data_8TZE
#
_entry.id   8TZE
#
_cell.length_a   1.00
_cell.length_b   1.00
_cell.length_c   1.00
_cell.angle_alpha   90.00
_cell.angle_beta   90.00
_cell.angle_gamma   90.00
#
_symmetry.space_group_name_H-M   'P 1'
#
loop_
_entity.id
_entity.type
_entity.pdbx_description
1 polymer 'Leucine-rich repeat serine/threonine-protein kinase 2'
2 non-polymer 4-methyl-N-{4-[(4-methylpiperazin-1-yl)methyl]-3-(trifluoromethyl)phenyl}-3-[(1H-pyrazolo[3,4-b]pyridin-5-yl)ethynyl]benzamide
#
_entity_poly.entity_id   1
_entity_poly.type   'polypeptide(L)'
_entity_poly.pdbx_seq_one_letter_code
;MASGSCQGCEEDEETLKKLIVRLNNVQEGKQIETLVQILEDLLVFTYSERASKLFQGKNIHVPLLIVLDSYMRVASVQQV
GWSLLCKLIEVCPGTMQSLMGPQDVGNDWEVLGVHQLILKMLTVHNASVNLSVIGLKTLDLLLTSGKITLLILDEESDIF
MLIFDAMHSFPANDEVQKLGCKALHVLFERVSEEQLTEFVENKDYMILLSALTNFKDEEEIVLHVLHCLHSLAIPCNNVE
VLMSGNVRCYNIVVEAMKAFPMSERIQEVSCCLLHRLTLGNFFNILVLNEVHEFVVKAVQQYPENAALQISALSCLALLT
ETIFLNQDLEEKNENQENDDEGEEDKLFWLEACYKALTWHRKNKHVQEAACWALNNLLMYQNSLHEKIGDEDGHFPAHRE
VMLSMLMHSSSKEVFQASANALSTLLEQNVNFRKILLSKGIHLNVLELMQKHIHSPEVAESGCKMLNHLFEGSNTSLDIM
AAVVPKILTVMKRHETSLPVQLEALRAILHFIVPGMPEESREDTEFHHKLNMVKKQCFKNDIHKLVLAALNRFIGNPGIQ
KCGLKVISSIVHFPDALEMLSLEGAMDSVLHTLQMYPDDQEIQCLGLSLIGYLITKKNVFIGTGHLLAKILVSSLYRFKD
VAEIQTKGFQTILAILKLSASFSKLLVHHSFDLVIFHQMSSNIMEQKDQQFLNLCCKCFAKVAMDDYLKNVMLERACDQN
NSIMVECLLLLGADANQAKEGSSLICQVCEKESSPKLVELLLNSGSREQDVRKALTISIGKGDSQIISLLLRRLALDVAN
NSICLGGFCIGKVEPSWLGPLFPDKTSNLRKQTNIASTLARMVIRYQMKSAVEEGTASGSDGNFSEDVLSKFDEWTFIPD
SSMDSVFAQSDDLDSEGSEGSFLVKKKSNSISVGEFYRDAVLQRCSPNLQRHSNSLGPIFDHEDLLKRKRKILSSDDSLR
SSKLQSHMRHSDSISSLASEREYITSLDLSANELRDIDALSQKCCISVHLEHLEKLELHQNALTSFPQQLCETLKSLTHL
DLHSNKFTSFPSYLLKMSCIANLDVSRNDIGPSVVLDPTVKCPTLKQFNLSYNQLSFVPENLTDVVEKLEQLILEGNKIS
GICSPLRLKELKILNLSKNHISSLSENFLEACPKVESFSARMNFLAAMPFLPPSMTILKLSQNKFSCIPEAILNLPHLRS
LDMSSNDIQYLPGPAHWKSLNLRELLFSHNQISILDLSEKAYLWSRVEKLHLSHNKLKEIPPEIGCLENLTSLDVSYNLE
LRSFPNEMGKLSKIWDLPLDELHLNFDFKHIGCKAKDIIRFLQQRLKKAVPYNRMKLMIVGNTGSGKTTLLQQLMKTKKS
DLGMQSATVGIDVKDWPIQIRDKRKRDLVLNVWDFAGREEFYSTHPHFMTQRALYLAVYDLSKGQAEVDAMKPWLFNIKA
RASSSPVILVGTHLDVSDEKQRKACMSKITKELLNKRGFPAIRDYHFVNATEESDALAKLRKTIINESLNFKIRDQLVVG
QLIPDCYVELEKIILSERKNVPIEFPVIDRKRLLQLVRENQLQLDENELPHAVHFLNESGVLLHFQDPALQLSDLYFVEP
KWLCKIMAQILTVKVEGCPKHPKGIISRRDVEKFLSKKRKFPKNYMSQYFKLLEKFQIALPIGEEYLLVPSSLSDHRPVI
ELPHCENSEIIIRLYEMPYFPMGFWSRLINRLLEISPYMLSGRERALRPNRMYWRQGIYLNWSPEAYCLVGSEVLDNHPE
SFLKITVPSCRKGCILLGQVVDHIDSLMEEWFPGLLEIDICGEGETLLKKWALYSFNDGEEHQKILLDDLMKKAEEGDLL
VNPDQPRLTIPISQIAPDLILADLPRNIMLNNDELEFEQAPEFLLGDGSFGSVYRAAYEGEEVAVKIFNKHTSLRLLRQE
LVVLCHLHHPSLISLLAAGIRPRMLVMELASKGSLDRLLQQDKASLTRTLQHRIALHVADGLRYLHSAMIIYRDLKPHNV
LLFTLYPNAAIIAKIADYGIAQYCCRMGIKTSEGTPGFRAPEVARGNVIYNQQADVYSFGLLLYDILTTGGRIVEGLKFP
NEFDELEIQGKLPDPVKEYGCAPWPMVEKLIKQCLKENPQERPTSAQVFDILNSAELVCLTRRILLPKNVIVECMVATHH
NSRNASIWLGCGHTDRGQLSFLDLNTEGYTSEEVADSRILCLALVHLPVEKESWIVSGTQSGTLLVINTEDGKKRHTLEK
MTDSVTCLYCNSFSKQSKQKNFLLVGTADGKLAIFEDKTVKLKGAAPLKILNIGNVSTPLMCLSESTNSTERNVMWGGCG
TKIFSFSNDFTIQKLIETRTSQLFSYAAFSDSNIITVVVDTALYIAKQNSPVVEVWDKKTEKLCGLIDCVHFLREVMVKE
NKESKHKMSYSGRVKTLCLQKNTALWIGTGGGHILLLDLSTRRLIRVIYNFCNSVRVMMTAQLGSLKNVMLVLGYNRKNT
EGTQKQKEIQSCLTVWDINLPHEVQNLEKHIEVRKELAEKMRRTSVE
;
_entity_poly.pdbx_strand_id   A
#
loop_
_chem_comp.id
_chem_comp.type
_chem_comp.name
_chem_comp.formula
T3X non-polymer 4-methyl-N-{4-[(4-methylpiperazin-1-yl)methyl]-3-(trifluoromethyl)phenyl}-3-[(1H-pyrazolo[3,4-b]pyridin-5-yl)ethynyl]benzamide 'C29 H27 F3 N6 O'
#
# COMPACT_ATOMS: atom_id res chain seq x y z
N GLY A 1624 27.83 31.99 23.11
CA GLY A 1624 27.75 31.55 21.73
C GLY A 1624 26.33 31.40 21.23
N ILE A 1625 25.37 31.44 22.16
CA ILE A 1625 23.97 31.30 21.80
C ILE A 1625 23.51 32.54 21.05
N ILE A 1626 22.96 32.34 19.85
CA ILE A 1626 22.52 33.44 19.00
C ILE A 1626 21.05 33.21 18.64
N SER A 1627 20.24 34.25 18.78
CA SER A 1627 18.83 34.14 18.44
C SER A 1627 18.65 33.96 16.94
N ARG A 1628 17.58 33.25 16.57
CA ARG A 1628 17.30 33.04 15.14
C ARG A 1628 17.01 34.34 14.43
N ARG A 1629 16.31 35.27 15.10
CA ARG A 1629 15.98 36.55 14.48
C ARG A 1629 17.22 37.41 14.23
N ASP A 1630 18.30 37.20 14.99
CA ASP A 1630 19.53 37.94 14.80
C ASP A 1630 20.38 37.40 13.66
N VAL A 1631 20.04 36.22 13.13
CA VAL A 1631 20.73 35.63 11.99
C VAL A 1631 19.88 35.69 10.74
N GLU A 1632 18.60 35.36 10.85
CA GLU A 1632 17.69 35.38 9.71
C GLU A 1632 17.46 36.80 9.22
N TYR A 1649 19.63 27.25 3.40
CA TYR A 1649 20.58 28.05 4.16
C TYR A 1649 20.85 27.45 5.53
N PHE A 1650 19.82 27.46 6.39
CA PHE A 1650 19.98 26.94 7.75
C PHE A 1650 20.27 25.44 7.74
N LYS A 1651 19.76 24.70 6.75
CA LYS A 1651 20.07 23.28 6.64
C LYS A 1651 21.57 23.07 6.42
N LEU A 1652 22.17 23.87 5.54
CA LEU A 1652 23.61 23.80 5.33
C LEU A 1652 24.38 24.23 6.57
N LEU A 1653 23.86 25.21 7.32
CA LEU A 1653 24.49 25.60 8.58
C LEU A 1653 24.49 24.44 9.57
N GLU A 1654 23.37 23.71 9.64
CA GLU A 1654 23.31 22.52 10.50
C GLU A 1654 24.29 21.45 10.01
N LYS A 1655 24.41 21.29 8.69
CA LYS A 1655 25.30 20.27 8.14
C LYS A 1655 26.76 20.53 8.54
N PHE A 1656 27.20 21.78 8.45
CA PHE A 1656 28.59 22.14 8.73
C PHE A 1656 28.79 22.60 10.17
N GLN A 1657 27.91 22.20 11.09
CA GLN A 1657 28.05 22.50 12.51
C GLN A 1657 28.15 24.00 12.76
N ILE A 1658 27.27 24.77 12.11
CA ILE A 1658 27.26 26.22 12.25
C ILE A 1658 26.08 26.68 13.11
N ALA A 1659 24.88 26.19 12.84
CA ALA A 1659 23.71 26.66 13.57
C ALA A 1659 23.40 25.77 14.78
N LEU A 1660 23.10 24.50 14.52
CA LEU A 1660 22.72 23.53 15.55
C LEU A 1660 21.59 24.09 16.41
N PRO A 1661 20.36 24.14 15.89
CA PRO A 1661 19.28 24.79 16.64
C PRO A 1661 19.01 24.12 17.98
N ILE A 1662 18.70 24.96 18.98
CA ILE A 1662 18.42 24.50 20.33
C ILE A 1662 16.91 24.39 20.51
N GLY A 1663 16.21 25.49 20.32
CA GLY A 1663 14.80 25.56 20.60
C GLY A 1663 14.43 26.97 21.01
N GLU A 1664 13.13 27.24 20.94
CA GLU A 1664 12.59 28.58 21.19
C GLU A 1664 13.28 29.61 20.29
N GLU A 1665 13.47 29.21 19.03
CA GLU A 1665 14.09 30.05 18.00
C GLU A 1665 15.47 30.56 18.45
N TYR A 1666 16.26 29.64 19.00
CA TYR A 1666 17.60 29.96 19.47
C TYR A 1666 18.58 28.96 18.87
N LEU A 1667 19.72 29.47 18.41
CA LEU A 1667 20.76 28.66 17.79
C LEU A 1667 21.92 28.47 18.76
N LEU A 1668 22.58 27.31 18.67
CA LEU A 1668 23.70 27.04 19.56
C LEU A 1668 24.98 27.71 19.10
N VAL A 1669 25.45 27.39 17.89
CA VAL A 1669 26.69 27.96 17.34
C VAL A 1669 27.85 27.69 18.30
N PRO A 1670 28.38 26.44 18.43
CA PRO A 1670 29.41 26.14 19.44
C PRO A 1670 30.57 27.13 19.51
N SER A 1671 30.85 27.83 18.40
CA SER A 1671 31.98 28.75 18.35
C SER A 1671 31.80 29.86 19.36
N SER A 1672 32.87 30.14 20.10
CA SER A 1672 32.91 31.20 21.11
C SER A 1672 31.81 31.06 22.15
N LEU A 1673 31.65 29.84 22.66
CA LEU A 1673 30.77 29.59 23.80
C LEU A 1673 31.52 29.95 25.08
N SER A 1674 30.97 29.56 26.22
CA SER A 1674 31.52 29.96 27.51
C SER A 1674 32.99 29.56 27.67
N ASP A 1675 33.40 28.48 27.01
CA ASP A 1675 34.78 28.00 27.02
C ASP A 1675 35.28 27.66 28.43
N HIS A 1676 34.36 27.52 29.38
CA HIS A 1676 34.69 27.17 30.75
C HIS A 1676 33.47 26.56 31.41
N ARG A 1677 33.71 25.90 32.54
CA ARG A 1677 32.60 25.30 33.28
C ARG A 1677 31.88 26.39 34.06
N PRO A 1678 30.61 26.64 33.77
CA PRO A 1678 29.89 27.79 34.34
C PRO A 1678 29.27 27.51 35.71
N VAL A 1679 30.08 26.93 36.60
CA VAL A 1679 29.69 26.68 37.99
C VAL A 1679 28.38 25.90 38.05
N ILE A 1680 28.46 24.58 37.89
CA ILE A 1680 27.30 23.71 37.95
C ILE A 1680 27.36 22.92 39.25
N GLU A 1681 26.30 23.00 40.03
CA GLU A 1681 26.18 22.26 41.29
C GLU A 1681 25.16 21.15 41.09
N LEU A 1682 25.61 19.91 41.16
CA LEU A 1682 24.75 18.77 40.91
C LEU A 1682 23.86 18.50 42.12
N PRO A 1683 22.66 17.95 41.91
CA PRO A 1683 21.76 17.66 43.02
C PRO A 1683 22.34 16.69 44.04
N HIS A 1684 23.19 15.78 43.58
CA HIS A 1684 23.78 14.76 44.43
C HIS A 1684 25.29 14.89 44.41
N CYS A 1685 25.90 14.62 45.57
CA CYS A 1685 27.35 14.70 45.67
C CYS A 1685 27.99 13.46 46.27
N GLU A 1686 27.20 12.45 46.67
CA GLU A 1686 27.77 11.25 47.25
C GLU A 1686 28.00 10.19 46.16
N ASN A 1687 28.88 9.25 46.48
CA ASN A 1687 29.23 8.20 45.52
C ASN A 1687 28.04 7.29 45.23
N SER A 1688 27.25 6.99 46.25
CA SER A 1688 26.15 6.03 46.10
C SER A 1688 24.94 6.61 45.38
N GLU A 1689 24.95 7.90 45.07
CA GLU A 1689 23.81 8.54 44.42
C GLU A 1689 24.03 8.87 42.96
N ILE A 1690 25.25 8.67 42.43
CA ILE A 1690 25.58 9.04 41.07
C ILE A 1690 26.31 7.92 40.38
N ILE A 1691 26.24 7.94 39.04
CA ILE A 1691 26.98 7.04 38.17
C ILE A 1691 27.91 7.89 37.33
N ILE A 1692 29.19 7.52 37.31
CA ILE A 1692 30.24 8.26 36.61
C ILE A 1692 30.91 7.35 35.59
N ARG A 1693 30.86 7.77 34.33
CA ARG A 1693 31.46 7.06 33.22
C ARG A 1693 32.52 7.95 32.58
N LEU A 1694 33.73 7.42 32.43
CA LEU A 1694 34.87 8.17 31.93
C LEU A 1694 35.32 7.63 30.58
N TYR A 1695 35.64 8.54 29.66
CA TYR A 1695 36.25 8.21 28.39
C TYR A 1695 37.62 8.88 28.33
N GLU A 1696 38.68 8.10 28.45
CA GLU A 1696 40.04 8.60 28.35
C GLU A 1696 40.48 8.54 26.89
N MET A 1697 40.90 9.68 26.36
CA MET A 1697 41.30 9.78 24.96
C MET A 1697 42.64 10.48 24.86
N PRO A 1698 43.44 10.14 23.85
CA PRO A 1698 44.68 10.89 23.63
C PRO A 1698 44.46 12.35 23.29
N TYR A 1699 43.37 12.68 22.60
CA TYR A 1699 43.07 14.05 22.22
C TYR A 1699 41.61 14.16 21.84
N PHE A 1700 41.07 15.37 21.96
CA PHE A 1700 39.75 15.47 21.35
C PHE A 1700 39.88 15.73 19.86
N PRO A 1701 39.26 14.91 19.02
CA PRO A 1701 39.29 15.19 17.58
C PRO A 1701 38.54 16.48 17.26
N MET A 1702 38.97 17.13 16.18
CA MET A 1702 38.33 18.37 15.76
C MET A 1702 36.88 18.09 15.34
N GLY A 1703 35.96 18.92 15.83
CA GLY A 1703 34.55 18.74 15.57
C GLY A 1703 33.86 17.70 16.43
N PHE A 1704 34.57 17.09 17.38
CA PHE A 1704 33.98 16.05 18.20
C PHE A 1704 32.91 16.62 19.14
N TRP A 1705 33.23 17.72 19.82
CA TRP A 1705 32.31 18.23 20.84
C TRP A 1705 31.10 18.92 20.22
N SER A 1706 31.27 19.60 19.09
CA SER A 1706 30.13 20.21 18.42
C SER A 1706 29.12 19.15 17.98
N ARG A 1707 29.60 18.11 17.30
CA ARG A 1707 28.71 17.02 16.89
C ARG A 1707 28.12 16.31 18.09
N LEU A 1708 28.92 16.11 19.14
CA LEU A 1708 28.42 15.44 20.33
C LEU A 1708 27.30 16.23 20.99
N ILE A 1709 27.45 17.54 21.12
CA ILE A 1709 26.40 18.36 21.72
C ILE A 1709 25.16 18.38 20.83
N ASN A 1710 25.37 18.44 19.51
CA ASN A 1710 24.24 18.37 18.59
C ASN A 1710 23.47 17.06 18.77
N ARG A 1711 24.19 15.96 19.02
CA ARG A 1711 23.52 14.69 19.26
C ARG A 1711 22.81 14.68 20.60
N LEU A 1712 23.45 15.20 21.65
CA LEU A 1712 22.91 15.08 22.99
C LEU A 1712 21.78 16.07 23.25
N LEU A 1713 21.59 17.05 22.36
CA LEU A 1713 20.51 18.00 22.55
C LEU A 1713 19.13 17.34 22.57
N GLU A 1714 18.97 16.16 21.99
CA GLU A 1714 17.68 15.51 21.87
C GLU A 1714 17.42 14.45 22.94
N ILE A 1715 18.29 14.36 23.95
CA ILE A 1715 18.14 13.32 24.96
C ILE A 1715 16.96 13.65 25.87
N SER A 1716 16.23 12.60 26.28
CA SER A 1716 15.12 12.75 27.21
C SER A 1716 14.93 11.44 27.97
N PRO A 1717 14.76 11.48 29.30
CA PRO A 1717 14.50 10.24 30.03
C PRO A 1717 13.09 9.72 29.86
N TYR A 1718 12.18 10.54 29.33
CA TYR A 1718 10.80 10.12 29.07
C TYR A 1718 10.61 9.63 27.64
N MET A 1719 11.68 9.55 26.85
CA MET A 1719 11.58 9.03 25.49
C MET A 1719 11.38 7.51 25.50
N LEU A 1720 11.50 6.89 26.67
CA LEU A 1720 11.33 5.45 26.84
C LEU A 1720 9.98 4.97 26.31
N LEU A 1727 8.85 17.10 31.06
CA LEU A 1727 9.44 18.35 31.54
C LEU A 1727 10.49 18.88 30.57
N ARG A 1728 10.69 20.19 30.58
CA ARG A 1728 11.73 20.81 29.77
C ARG A 1728 13.03 20.88 30.56
N PRO A 1729 14.13 20.34 30.03
CA PRO A 1729 15.39 20.38 30.78
C PRO A 1729 15.94 21.79 30.90
N ASN A 1730 16.67 22.01 31.99
CA ASN A 1730 17.41 23.25 32.20
C ASN A 1730 18.80 23.09 31.58
N ARG A 1731 18.87 23.40 30.29
CA ARG A 1731 20.07 23.13 29.51
C ARG A 1731 21.14 24.18 29.78
N MET A 1732 22.39 23.73 29.85
CA MET A 1732 23.55 24.60 29.94
C MET A 1732 24.59 24.11 28.95
N TYR A 1733 25.36 25.04 28.40
CA TYR A 1733 26.31 24.71 27.34
C TYR A 1733 27.69 25.26 27.67
N TRP A 1734 28.72 24.64 27.18
CA TRP A 1734 30.07 25.20 27.31
C TRP A 1734 30.59 24.85 25.94
N ARG A 1735 31.85 25.06 25.69
CA ARG A 1735 32.41 24.62 24.41
C ARG A 1735 32.64 23.12 24.40
N GLN A 1736 33.32 22.59 25.41
CA GLN A 1736 33.49 21.16 25.59
C GLN A 1736 32.57 20.59 26.66
N GLY A 1737 31.26 20.65 26.45
CA GLY A 1737 30.35 20.04 27.41
C GLY A 1737 28.94 20.55 27.26
N ILE A 1738 28.02 19.83 27.89
CA ILE A 1738 26.61 20.20 27.94
C ILE A 1738 26.03 19.62 29.22
N TYR A 1739 25.15 20.40 29.86
CA TYR A 1739 24.49 19.99 31.10
C TYR A 1739 22.98 19.99 30.88
N LEU A 1740 22.34 18.88 31.18
CA LEU A 1740 20.90 18.74 31.11
C LEU A 1740 20.35 18.49 32.51
N ASN A 1741 19.18 19.04 32.79
CA ASN A 1741 18.61 18.91 34.13
C ASN A 1741 17.08 18.98 34.03
N TRP A 1742 16.42 17.84 34.19
CA TRP A 1742 14.97 17.77 34.30
C TRP A 1742 14.49 17.82 35.74
N SER A 1743 15.22 17.20 36.66
CA SER A 1743 14.77 16.96 38.01
C SER A 1743 15.94 16.41 38.81
N PRO A 1744 15.87 16.46 40.15
CA PRO A 1744 16.90 15.79 40.94
C PRO A 1744 16.99 14.30 40.64
N GLU A 1745 15.92 13.72 40.11
CA GLU A 1745 15.88 12.33 39.70
C GLU A 1745 16.15 12.13 38.22
N ALA A 1746 16.48 13.19 37.47
CA ALA A 1746 16.81 13.05 36.06
C ALA A 1746 17.67 14.25 35.65
N TYR A 1747 18.96 14.00 35.45
CA TYR A 1747 19.89 15.00 34.93
C TYR A 1747 21.06 14.27 34.29
N CYS A 1748 21.88 15.03 33.56
CA CYS A 1748 23.02 14.44 32.87
C CYS A 1748 24.07 15.52 32.67
N LEU A 1749 25.27 15.31 33.20
CA LEU A 1749 26.38 16.23 33.05
C LEU A 1749 27.47 15.55 32.22
N VAL A 1750 27.59 15.95 30.96
CA VAL A 1750 28.63 15.43 30.06
C VAL A 1750 29.59 16.56 29.78
N GLY A 1751 30.86 16.35 30.10
CA GLY A 1751 31.80 17.44 29.92
C GLY A 1751 33.24 16.99 29.87
N SER A 1752 34.08 17.88 29.36
CA SER A 1752 35.52 17.62 29.30
C SER A 1752 36.11 17.64 30.70
N GLU A 1753 37.25 16.98 30.86
CA GLU A 1753 37.88 16.84 32.16
C GLU A 1753 39.37 16.56 31.97
N VAL A 1754 40.16 17.09 32.91
CA VAL A 1754 41.62 16.96 32.89
C VAL A 1754 42.07 16.43 34.24
N LEU A 1755 42.94 15.42 34.22
CA LEU A 1755 43.51 14.85 35.42
C LEU A 1755 44.86 15.49 35.71
N ASP A 1756 45.28 15.43 36.97
CA ASP A 1756 46.61 15.89 37.34
C ASP A 1756 47.66 14.91 36.83
N ASN A 1757 48.72 15.44 36.22
CA ASN A 1757 49.82 14.65 35.66
C ASN A 1757 49.36 13.70 34.56
N HIS A 1758 48.25 14.00 33.89
CA HIS A 1758 47.72 13.17 32.81
C HIS A 1758 47.52 14.03 31.59
N PRO A 1759 48.40 13.94 30.60
CA PRO A 1759 48.24 14.72 29.36
C PRO A 1759 46.97 14.37 28.60
N GLU A 1760 46.46 13.16 28.79
CA GLU A 1760 45.31 12.71 28.05
C GLU A 1760 44.06 13.50 28.43
N SER A 1761 43.14 13.63 27.47
CA SER A 1761 41.86 14.30 27.68
C SER A 1761 40.86 13.29 28.24
N PHE A 1762 39.84 13.78 28.94
CA PHE A 1762 38.79 12.92 29.47
C PHE A 1762 37.42 13.50 29.16
N LEU A 1763 36.47 12.60 28.96
CA LEU A 1763 35.06 12.94 28.82
C LEU A 1763 34.31 12.27 29.97
N LYS A 1764 33.75 13.06 30.87
CA LYS A 1764 33.08 12.54 32.04
C LYS A 1764 31.57 12.70 31.90
N ILE A 1765 30.85 11.63 32.18
CA ILE A 1765 29.39 11.60 32.19
C ILE A 1765 28.94 11.29 33.59
N THR A 1766 28.11 12.16 34.16
CA THR A 1766 27.56 11.97 35.50
C THR A 1766 26.05 11.96 35.41
N VAL A 1767 25.44 10.91 35.96
CA VAL A 1767 23.98 10.79 35.98
C VAL A 1767 23.55 10.37 37.39
N PRO A 1768 22.28 10.58 37.74
CA PRO A 1768 21.79 10.05 39.02
C PRO A 1768 21.69 8.54 38.99
N SER A 1769 21.84 7.93 40.18
CA SER A 1769 21.75 6.48 40.32
C SER A 1769 20.29 6.08 40.47
N CYS A 1770 19.56 6.15 39.37
CA CYS A 1770 18.16 5.77 39.31
C CYS A 1770 17.87 5.25 37.92
N ARG A 1771 16.61 4.84 37.70
CA ARG A 1771 16.24 4.31 36.39
C ARG A 1771 16.35 5.39 35.31
N LYS A 1772 15.88 6.60 35.62
CA LYS A 1772 16.00 7.70 34.67
C LYS A 1772 17.46 8.03 34.39
N GLY A 1773 18.28 8.02 35.43
CA GLY A 1773 19.72 8.22 35.22
C GLY A 1773 20.33 7.12 34.36
N CYS A 1774 19.88 5.89 34.55
CA CYS A 1774 20.36 4.78 33.72
C CYS A 1774 19.95 4.97 32.27
N ILE A 1775 18.71 5.42 32.03
CA ILE A 1775 18.25 5.67 30.67
C ILE A 1775 19.07 6.78 30.03
N LEU A 1776 19.32 7.86 30.76
CA LEU A 1776 20.13 8.96 30.24
C LEU A 1776 21.55 8.50 29.94
N LEU A 1777 22.15 7.71 30.83
CA LEU A 1777 23.49 7.20 30.59
C LEU A 1777 23.54 6.30 29.36
N GLY A 1778 22.53 5.45 29.20
CA GLY A 1778 22.47 4.59 28.03
C GLY A 1778 22.39 5.39 26.76
N GLN A 1779 21.52 6.40 26.74
CA GLN A 1779 21.42 7.25 25.55
C GLN A 1779 22.73 7.97 25.26
N VAL A 1780 23.38 8.50 26.30
CA VAL A 1780 24.61 9.26 26.10
C VAL A 1780 25.71 8.36 25.54
N VAL A 1781 25.91 7.19 26.13
CA VAL A 1781 26.98 6.32 25.64
C VAL A 1781 26.64 5.76 24.27
N ASP A 1782 25.36 5.53 23.97
CA ASP A 1782 24.98 5.12 22.62
C ASP A 1782 25.31 6.21 21.62
N HIS A 1783 25.00 7.46 21.94
CA HIS A 1783 25.32 8.56 21.04
C HIS A 1783 26.83 8.71 20.86
N ILE A 1784 27.59 8.59 21.95
CA ILE A 1784 29.05 8.73 21.84
C ILE A 1784 29.63 7.62 20.97
N ASP A 1785 29.21 6.38 21.22
CA ASP A 1785 29.75 5.25 20.45
C ASP A 1785 29.36 5.37 18.98
N SER A 1786 28.12 5.76 18.69
CA SER A 1786 27.69 5.94 17.31
C SER A 1786 28.47 7.06 16.63
N LEU A 1787 28.69 8.17 17.35
CA LEU A 1787 29.45 9.28 16.79
C LEU A 1787 30.87 8.86 16.46
N MET A 1788 31.52 8.14 17.37
CA MET A 1788 32.89 7.71 17.11
C MET A 1788 32.95 6.67 15.99
N GLU A 1789 31.95 5.80 15.89
CA GLU A 1789 31.92 4.85 14.79
C GLU A 1789 31.75 5.55 13.45
N GLU A 1790 30.89 6.56 13.38
CA GLU A 1790 30.49 7.09 12.09
C GLU A 1790 31.40 8.22 11.63
N TRP A 1791 31.77 9.14 12.52
CA TRP A 1791 32.56 10.30 12.12
C TRP A 1791 34.05 10.19 12.43
N PHE A 1792 34.45 9.40 13.43
CA PHE A 1792 35.86 9.30 13.80
C PHE A 1792 36.30 7.83 13.93
N PRO A 1793 36.26 7.07 12.84
CA PRO A 1793 36.79 5.70 12.90
C PRO A 1793 38.30 5.69 13.02
N GLY A 1794 38.83 4.59 13.54
CA GLY A 1794 40.24 4.43 13.79
C GLY A 1794 40.65 4.77 15.21
N LEU A 1795 39.89 5.62 15.89
CA LEU A 1795 40.07 5.84 17.31
C LEU A 1795 39.54 4.68 18.15
N LEU A 1796 38.72 3.81 17.54
CA LEU A 1796 38.15 2.65 18.20
C LEU A 1796 38.98 1.40 18.01
N GLU A 1797 39.58 1.21 16.84
CA GLU A 1797 40.32 0.00 16.53
C GLU A 1797 41.62 -0.03 17.32
N ILE A 1798 42.33 -1.16 17.21
CA ILE A 1798 43.58 -1.35 17.92
C ILE A 1798 44.68 -0.48 17.31
N GLU A 1805 40.90 0.06 20.44
CA GLU A 1805 41.74 0.71 21.43
C GLU A 1805 42.15 2.12 20.98
N THR A 1806 43.33 2.21 20.34
CA THR A 1806 43.89 3.48 19.90
C THR A 1806 43.92 4.48 21.05
N LEU A 1807 44.35 4.01 22.22
CA LEU A 1807 44.48 4.82 23.44
C LEU A 1807 43.14 5.39 23.90
N LEU A 1808 42.03 4.84 23.41
CA LEU A 1808 40.70 5.16 23.91
C LEU A 1808 40.29 4.12 24.93
N LYS A 1809 40.01 4.57 26.14
CA LYS A 1809 39.65 3.67 27.24
C LYS A 1809 38.34 4.13 27.86
N LYS A 1810 37.51 3.16 28.25
CA LYS A 1810 36.24 3.43 28.90
C LYS A 1810 36.30 2.90 30.33
N TRP A 1811 36.04 3.77 31.29
CA TRP A 1811 36.11 3.43 32.70
C TRP A 1811 34.77 3.67 33.37
N ALA A 1812 34.45 2.83 34.33
CA ALA A 1812 33.35 3.08 35.27
C ALA A 1812 33.96 3.41 36.61
N LEU A 1813 33.47 4.48 37.25
CA LEU A 1813 33.98 4.91 38.54
C LEU A 1813 33.08 4.36 39.64
N TYR A 1814 33.69 3.75 40.65
CA TYR A 1814 32.94 3.08 41.71
C TYR A 1814 33.64 3.31 43.04
N SER A 1815 32.93 2.95 44.11
CA SER A 1815 33.50 3.00 45.45
C SER A 1815 32.74 2.02 46.33
N PHE A 1816 33.36 1.64 47.45
CA PHE A 1816 32.77 0.71 48.39
C PHE A 1816 32.13 1.39 49.59
N ASN A 1817 32.44 2.66 49.83
CA ASN A 1817 31.87 3.40 50.95
C ASN A 1817 31.78 4.87 50.58
N ASP A 1818 30.66 5.51 50.92
CA ASP A 1818 30.52 6.93 50.67
C ASP A 1818 31.58 7.71 51.45
N GLY A 1819 32.21 8.66 50.76
CA GLY A 1819 33.32 9.42 51.32
C GLY A 1819 34.68 9.04 50.78
N GLU A 1820 34.82 7.83 50.25
CA GLU A 1820 36.06 7.41 49.64
C GLU A 1820 36.21 8.06 48.26
N GLU A 1821 37.44 8.03 47.74
CA GLU A 1821 37.70 8.49 46.40
C GLU A 1821 37.34 7.42 45.39
N HIS A 1822 36.81 7.84 44.25
CA HIS A 1822 36.39 6.90 43.22
C HIS A 1822 37.57 6.13 42.66
N GLN A 1823 37.40 4.81 42.56
CA GLN A 1823 38.31 3.93 41.84
C GLN A 1823 37.75 3.67 40.45
N LYS A 1824 38.64 3.24 39.56
CA LYS A 1824 38.30 3.04 38.15
C LYS A 1824 38.34 1.57 37.81
N ILE A 1825 37.43 1.14 36.94
CA ILE A 1825 37.50 -0.19 36.34
C ILE A 1825 37.15 -0.10 34.87
N LEU A 1826 37.97 -0.73 34.03
CA LEU A 1826 37.70 -0.76 32.60
C LEU A 1826 36.41 -1.52 32.32
N LEU A 1827 35.67 -1.06 31.30
CA LEU A 1827 34.40 -1.68 30.98
C LEU A 1827 34.57 -3.11 30.49
N ASP A 1828 35.75 -3.46 29.95
CA ASP A 1828 35.98 -4.84 29.54
C ASP A 1828 36.11 -5.76 30.74
N ASP A 1829 36.92 -5.35 31.73
CA ASP A 1829 37.05 -6.14 32.94
C ASP A 1829 35.73 -6.25 33.69
N LEU A 1830 34.99 -5.15 33.77
CA LEU A 1830 33.69 -5.18 34.44
C LEU A 1830 32.69 -6.02 33.66
N MET A 1831 32.78 -6.01 32.32
CA MET A 1831 31.94 -6.87 31.52
C MET A 1831 32.24 -8.35 31.77
N LYS A 1832 33.52 -8.68 31.89
CA LYS A 1832 33.88 -10.06 32.24
C LYS A 1832 33.35 -10.44 33.62
N LYS A 1833 33.48 -9.53 34.59
CA LYS A 1833 32.98 -9.81 35.93
C LYS A 1833 31.46 -9.95 35.94
N ALA A 1834 30.78 -9.19 35.10
CA ALA A 1834 29.33 -9.28 35.01
C ALA A 1834 28.86 -10.66 34.56
N GLU A 1835 29.58 -11.29 33.65
CA GLU A 1835 29.32 -12.68 33.30
C GLU A 1835 29.81 -13.64 34.38
N GLU A 1836 30.84 -13.27 35.13
CA GLU A 1836 31.28 -14.10 36.24
C GLU A 1836 30.32 -14.01 37.43
N GLY A 1837 29.75 -12.84 37.68
CA GLY A 1837 28.86 -12.67 38.81
C GLY A 1837 28.16 -11.33 38.74
N ASP A 1838 27.40 -11.04 39.80
CA ASP A 1838 26.64 -9.80 39.89
C ASP A 1838 27.20 -8.83 40.92
N LEU A 1839 28.39 -9.09 41.45
CA LEU A 1839 28.99 -8.24 42.47
C LEU A 1839 30.44 -7.95 42.14
N LEU A 1840 30.88 -6.75 42.52
CA LEU A 1840 32.28 -6.36 42.50
C LEU A 1840 32.79 -6.42 43.94
N VAL A 1841 33.90 -7.13 44.13
CA VAL A 1841 34.40 -7.51 45.44
C VAL A 1841 35.73 -6.82 45.69
N ASN A 1842 35.87 -6.23 46.88
CA ASN A 1842 37.14 -5.66 47.30
C ASN A 1842 38.14 -6.79 47.46
N PRO A 1843 39.27 -6.77 46.72
CA PRO A 1843 40.23 -7.88 46.83
C PRO A 1843 40.78 -8.08 48.23
N ASP A 1844 40.90 -7.02 49.03
CA ASP A 1844 41.43 -7.14 50.38
C ASP A 1844 40.37 -7.44 51.43
N GLN A 1845 39.15 -6.92 51.27
CA GLN A 1845 38.06 -7.16 52.21
C GLN A 1845 36.84 -7.67 51.45
N PRO A 1846 36.73 -8.99 51.27
CA PRO A 1846 35.51 -9.57 50.69
C PRO A 1846 34.21 -9.00 51.22
N ARG A 1847 34.23 -8.49 52.45
CA ARG A 1847 33.04 -7.90 53.05
C ARG A 1847 32.55 -6.66 52.31
N LEU A 1848 33.43 -5.95 51.61
CA LEU A 1848 33.07 -4.76 50.86
C LEU A 1848 32.68 -5.19 49.44
N THR A 1849 31.38 -5.14 49.17
CA THR A 1849 30.84 -5.56 47.88
C THR A 1849 29.92 -4.47 47.34
N ILE A 1850 29.94 -4.29 46.02
CA ILE A 1850 28.97 -3.40 45.38
C ILE A 1850 28.30 -4.15 44.23
N PRO A 1851 27.08 -3.82 43.85
CA PRO A 1851 26.51 -4.41 42.64
C PRO A 1851 27.30 -3.97 41.41
N ILE A 1852 27.47 -4.92 40.48
CA ILE A 1852 28.06 -4.56 39.19
C ILE A 1852 27.12 -3.64 38.44
N SER A 1853 25.81 -3.91 38.52
CA SER A 1853 24.82 -2.94 38.08
C SER A 1853 24.87 -1.71 38.97
N GLN A 1854 24.18 -0.66 38.53
CA GLN A 1854 24.06 0.61 39.23
C GLN A 1854 25.39 1.34 39.36
N ILE A 1855 26.48 0.80 38.78
CA ILE A 1855 27.68 1.58 38.49
C ILE A 1855 27.94 1.46 36.99
N ALA A 1856 27.47 0.36 36.40
CA ALA A 1856 27.44 0.19 34.95
C ALA A 1856 26.11 -0.45 34.55
N PRO A 1857 24.98 0.27 34.73
CA PRO A 1857 23.68 -0.34 34.43
C PRO A 1857 23.42 -0.52 32.95
N ASP A 1858 24.24 0.06 32.07
CA ASP A 1858 24.06 -0.13 30.64
C ASP A 1858 24.61 -1.46 30.16
N LEU A 1859 25.47 -2.11 30.94
CA LEU A 1859 26.03 -3.40 30.57
C LEU A 1859 25.07 -4.55 30.80
N ILE A 1860 23.98 -4.34 31.54
CA ILE A 1860 22.98 -5.37 31.79
C ILE A 1860 21.64 -4.98 31.19
N LEU A 1861 21.62 -3.96 30.33
CA LEU A 1861 20.40 -3.49 29.67
C LEU A 1861 19.32 -3.15 30.68
N ALA A 1862 19.71 -2.43 31.73
CA ALA A 1862 18.76 -2.02 32.76
C ALA A 1862 17.88 -0.85 32.30
N ASP A 1863 18.19 -0.25 31.15
CA ASP A 1863 17.43 0.88 30.63
C ASP A 1863 16.40 0.46 29.59
N LEU A 1864 16.15 -0.84 29.44
CA LEU A 1864 15.13 -1.29 28.52
C LEU A 1864 13.75 -0.90 29.01
N PRO A 1865 12.78 -0.75 28.10
CA PRO A 1865 11.40 -0.57 28.53
C PRO A 1865 10.91 -1.77 29.33
N ARG A 1866 9.96 -1.53 30.23
CA ARG A 1866 9.53 -2.56 31.16
C ARG A 1866 9.01 -3.80 30.44
N ASN A 1867 8.33 -3.61 29.30
CA ASN A 1867 7.76 -4.73 28.56
C ASN A 1867 8.77 -5.48 27.71
N ILE A 1868 9.99 -4.96 27.60
CA ILE A 1868 11.03 -5.56 26.76
C ILE A 1868 12.01 -6.39 27.56
N MET A 1869 12.12 -6.16 28.86
CA MET A 1869 13.08 -6.92 29.67
C MET A 1869 12.74 -8.40 29.64
N LEU A 1870 13.78 -9.22 29.51
CA LEU A 1870 13.59 -10.66 29.39
C LEU A 1870 13.13 -11.26 30.72
N ASN A 1871 12.18 -12.17 30.64
CA ASN A 1871 11.75 -12.97 31.78
C ASN A 1871 12.27 -14.38 31.53
N ASN A 1872 13.45 -14.69 32.09
CA ASN A 1872 14.10 -15.96 31.81
C ASN A 1872 13.29 -17.15 32.33
N ASP A 1873 12.38 -16.90 33.27
CA ASP A 1873 11.50 -17.97 33.73
C ASP A 1873 10.49 -18.37 32.66
N GLU A 1874 10.20 -17.49 31.71
CA GLU A 1874 9.23 -17.75 30.66
C GLU A 1874 9.88 -18.20 29.35
N LEU A 1875 11.21 -18.29 29.31
CA LEU A 1875 11.94 -18.58 28.08
C LEU A 1875 12.41 -20.03 28.07
N GLU A 1876 12.01 -20.78 27.05
CA GLU A 1876 12.44 -22.15 26.85
C GLU A 1876 13.30 -22.16 25.58
N PHE A 1877 14.60 -21.88 25.74
CA PHE A 1877 15.50 -21.71 24.62
C PHE A 1877 16.69 -22.63 24.76
N GLU A 1878 17.01 -23.36 23.68
CA GLU A 1878 18.19 -24.21 23.62
C GLU A 1878 18.97 -23.86 22.36
N GLN A 1879 20.27 -23.64 22.50
CA GLN A 1879 21.14 -23.25 21.39
C GLN A 1879 21.73 -24.53 20.78
N ALA A 1880 21.11 -25.02 19.72
CA ALA A 1880 21.55 -26.23 19.05
C ALA A 1880 21.23 -26.09 17.56
N PRO A 1881 21.98 -26.74 16.69
CA PRO A 1881 21.70 -26.59 15.24
C PRO A 1881 20.42 -27.27 14.80
N GLU A 1882 19.82 -28.10 15.65
CA GLU A 1882 18.51 -28.68 15.34
C GLU A 1882 17.43 -27.61 15.26
N PHE A 1883 17.53 -26.55 16.08
CA PHE A 1883 16.53 -25.49 16.11
C PHE A 1883 16.94 -24.28 15.26
N LEU A 1884 18.02 -24.39 14.51
CA LEU A 1884 18.46 -23.30 13.64
C LEU A 1884 17.38 -22.96 12.63
N LEU A 1885 17.08 -21.67 12.48
CA LEU A 1885 16.03 -21.24 11.57
C LEU A 1885 16.61 -21.01 10.18
N GLY A 1886 16.01 -21.67 9.18
CA GLY A 1886 16.49 -21.57 7.83
C GLY A 1886 17.77 -22.31 7.53
N ASP A 1887 18.07 -23.35 8.32
CA ASP A 1887 19.21 -24.26 8.13
C ASP A 1887 20.46 -23.56 7.62
N GLY A 1888 20.74 -22.39 8.18
CA GLY A 1888 21.91 -21.59 7.84
C GLY A 1888 21.60 -20.15 7.51
N SER A 1889 20.39 -19.90 7.01
CA SER A 1889 20.00 -18.53 6.68
C SER A 1889 19.70 -17.75 7.96
N PHE A 1890 19.56 -16.43 7.80
CA PHE A 1890 19.21 -15.52 8.88
C PHE A 1890 20.30 -15.43 9.93
N GLY A 1891 21.39 -16.18 9.76
CA GLY A 1891 22.46 -16.18 10.74
C GLY A 1891 22.14 -17.02 11.96
N SER A 1892 22.48 -16.52 13.14
CA SER A 1892 22.26 -17.25 14.39
C SER A 1892 20.85 -16.97 14.92
N VAL A 1893 19.86 -17.47 14.16
CA VAL A 1893 18.46 -17.36 14.54
C VAL A 1893 17.96 -18.76 14.85
N TYR A 1894 17.30 -18.89 16.00
CA TYR A 1894 16.89 -20.18 16.54
C TYR A 1894 15.40 -20.14 16.87
N ARG A 1895 14.76 -21.30 16.78
CA ARG A 1895 13.40 -21.44 17.28
C ARG A 1895 13.43 -21.62 18.80
N ALA A 1896 12.50 -20.96 19.49
CA ALA A 1896 12.42 -21.13 20.93
C ALA A 1896 10.99 -20.86 21.38
N ALA A 1897 10.75 -21.02 22.67
CA ALA A 1897 9.47 -20.74 23.27
C ALA A 1897 9.61 -19.63 24.31
N TYR A 1898 8.71 -18.66 24.24
CA TYR A 1898 8.70 -17.54 25.17
C TYR A 1898 7.27 -17.21 25.52
N GLU A 1899 6.96 -17.25 26.83
CA GLU A 1899 5.62 -16.95 27.33
C GLU A 1899 4.55 -17.80 26.64
N GLY A 1900 4.93 -19.02 26.27
CA GLY A 1900 4.02 -19.97 25.67
C GLY A 1900 3.94 -19.91 24.16
N GLU A 1901 4.59 -18.95 23.51
CA GLU A 1901 4.50 -18.81 22.07
C GLU A 1901 5.86 -19.06 21.42
N GLU A 1902 5.82 -19.63 20.21
CA GLU A 1902 7.05 -19.87 19.47
C GLU A 1902 7.60 -18.56 18.94
N VAL A 1903 8.90 -18.34 19.18
CA VAL A 1903 9.57 -17.09 18.88
C VAL A 1903 10.91 -17.39 18.21
N ALA A 1904 11.47 -16.36 17.59
CA ALA A 1904 12.79 -16.41 16.97
C ALA A 1904 13.80 -15.74 17.89
N VAL A 1905 14.98 -16.32 18.00
CA VAL A 1905 16.00 -15.91 18.96
C VAL A 1905 17.29 -15.63 18.20
N LYS A 1906 17.80 -14.42 18.30
CA LYS A 1906 19.07 -14.04 17.70
C LYS A 1906 20.14 -13.93 18.78
N ILE A 1907 21.28 -14.56 18.54
CA ILE A 1907 22.38 -14.63 19.50
C ILE A 1907 23.50 -13.73 19.01
N PHE A 1908 24.07 -12.94 19.91
CA PHE A 1908 25.19 -12.04 19.61
C PHE A 1908 26.50 -12.54 20.22
N ASN A 1909 26.57 -13.81 20.57
CA ASN A 1909 27.77 -14.35 21.19
C ASN A 1909 28.89 -14.50 20.16
N LYS A 1910 30.10 -14.73 20.67
CA LYS A 1910 31.29 -14.95 19.83
C LYS A 1910 31.56 -13.76 18.91
N HIS A 1911 31.47 -12.56 19.49
CA HIS A 1911 31.76 -11.33 18.75
C HIS A 1911 31.92 -10.20 19.76
N THR A 1912 32.01 -8.97 19.24
CA THR A 1912 32.04 -7.78 20.10
C THR A 1912 30.61 -7.44 20.53
N SER A 1913 30.05 -8.24 21.42
CA SER A 1913 28.65 -8.11 21.81
C SER A 1913 28.45 -6.86 22.66
N LEU A 1914 27.17 -6.55 22.89
CA LEU A 1914 26.72 -5.44 23.73
C LEU A 1914 26.98 -4.10 23.06
N ARG A 1915 27.63 -4.12 21.90
CA ARG A 1915 27.69 -2.93 21.07
C ARG A 1915 26.73 -3.06 19.89
N LEU A 1916 26.86 -4.16 19.14
CA LEU A 1916 25.87 -4.45 18.10
C LEU A 1916 24.49 -4.67 18.69
N LEU A 1917 24.43 -5.38 19.82
CA LEU A 1917 23.15 -5.63 20.48
C LEU A 1917 22.51 -4.32 20.92
N ARG A 1918 23.28 -3.42 21.52
CA ARG A 1918 22.72 -2.15 21.98
C ARG A 1918 22.33 -1.26 20.81
N GLN A 1919 23.11 -1.29 19.73
CA GLN A 1919 22.75 -0.53 18.53
C GLN A 1919 21.43 -1.03 17.94
N GLU A 1920 21.28 -2.36 17.84
CA GLU A 1920 20.04 -2.91 17.31
C GLU A 1920 18.88 -2.64 18.24
N LEU A 1921 19.11 -2.64 19.55
CA LEU A 1921 18.05 -2.28 20.50
C LEU A 1921 17.64 -0.82 20.33
N VAL A 1922 18.60 0.07 20.14
CA VAL A 1922 18.29 1.49 19.93
C VAL A 1922 17.45 1.64 18.67
N VAL A 1923 17.77 0.90 17.62
CA VAL A 1923 16.97 0.95 16.41
C VAL A 1923 15.57 0.39 16.64
N LEU A 1924 15.48 -0.76 17.33
CA LEU A 1924 14.23 -1.50 17.38
C LEU A 1924 13.23 -0.88 18.36
N CYS A 1925 13.70 -0.39 19.51
CA CYS A 1925 12.80 0.01 20.58
C CYS A 1925 11.93 1.22 20.22
N HIS A 1926 12.31 1.99 19.20
CA HIS A 1926 11.54 3.15 18.80
C HIS A 1926 10.76 2.93 17.52
N LEU A 1927 10.70 1.70 17.02
CA LEU A 1927 9.98 1.35 15.80
C LEU A 1927 8.78 0.50 16.17
N HIS A 1928 7.60 1.09 16.12
CA HIS A 1928 6.34 0.43 16.47
C HIS A 1928 5.43 0.48 15.25
N HIS A 1929 5.54 -0.52 14.39
CA HIS A 1929 4.85 -0.54 13.12
C HIS A 1929 4.34 -1.93 12.81
N PRO A 1930 3.10 -2.06 12.32
CA PRO A 1930 2.56 -3.39 12.01
C PRO A 1930 3.30 -4.12 10.90
N SER A 1931 3.99 -3.39 10.03
CA SER A 1931 4.68 -4.00 8.90
C SER A 1931 6.16 -4.28 9.18
N LEU A 1932 6.60 -4.07 10.41
CA LEU A 1932 7.96 -4.38 10.82
C LEU A 1932 7.92 -5.43 11.92
N ILE A 1933 8.89 -6.36 11.90
CA ILE A 1933 8.92 -7.42 12.89
C ILE A 1933 9.06 -6.81 14.28
N SER A 1934 8.28 -7.31 15.23
CA SER A 1934 8.16 -6.69 16.54
C SER A 1934 9.11 -7.34 17.54
N LEU A 1935 9.77 -6.51 18.34
CA LEU A 1935 10.70 -6.98 19.36
C LEU A 1935 9.91 -7.39 20.61
N LEU A 1936 10.21 -8.57 21.12
CA LEU A 1936 9.54 -9.09 22.32
C LEU A 1936 10.40 -9.04 23.57
N ALA A 1937 11.71 -9.30 23.45
CA ALA A 1937 12.55 -9.34 24.64
C ALA A 1937 14.02 -9.18 24.23
N ALA A 1938 14.86 -8.89 25.22
CA ALA A 1938 16.30 -8.81 25.02
C ALA A 1938 17.00 -9.23 26.30
N GLY A 1939 18.15 -9.86 26.16
CA GLY A 1939 18.84 -10.40 27.31
C GLY A 1939 20.35 -10.36 27.14
N ILE A 1940 21.05 -10.61 28.26
CA ILE A 1940 22.50 -10.49 28.32
C ILE A 1940 23.17 -11.76 28.79
N ARG A 1941 22.43 -12.69 29.43
CA ARG A 1941 23.09 -13.88 29.93
C ARG A 1941 23.66 -14.64 28.73
N PRO A 1942 22.68 -14.86 27.68
CA PRO A 1942 23.31 -14.97 26.37
C PRO A 1942 22.84 -13.67 25.74
N ARG A 1943 23.72 -13.05 24.95
CA ARG A 1943 23.36 -11.81 24.27
C ARG A 1943 22.26 -12.13 23.28
N MET A 1944 21.04 -11.73 23.59
CA MET A 1944 19.87 -12.30 22.95
C MET A 1944 18.86 -11.24 22.55
N LEU A 1945 18.26 -11.43 21.37
CA LEU A 1945 17.05 -10.72 20.97
C LEU A 1945 15.96 -11.75 20.70
N VAL A 1946 14.81 -11.59 21.34
CA VAL A 1946 13.67 -12.47 21.16
C VAL A 1946 12.60 -11.70 20.40
N MET A 1947 12.28 -12.16 19.19
CA MET A 1947 11.29 -11.52 18.33
C MET A 1947 10.21 -12.53 17.94
N GLU A 1948 9.13 -12.01 17.37
CA GLU A 1948 8.03 -12.88 16.95
C GLU A 1948 8.46 -13.76 15.79
N LEU A 1949 7.83 -14.94 15.70
CA LEU A 1949 8.18 -15.94 14.71
C LEU A 1949 7.20 -15.88 13.54
N ALA A 1950 7.72 -15.88 12.32
CA ALA A 1950 6.91 -15.94 11.12
C ALA A 1950 6.60 -17.40 10.83
N SER A 1951 5.32 -17.75 10.86
CA SER A 1951 4.91 -19.14 10.67
C SER A 1951 5.26 -19.66 9.28
N LYS A 1952 5.07 -18.84 8.25
CA LYS A 1952 5.20 -19.29 6.87
C LYS A 1952 6.54 -18.94 6.25
N GLY A 1953 7.53 -18.55 7.05
CA GLY A 1953 8.86 -18.33 6.52
C GLY A 1953 8.98 -17.03 5.77
N SER A 1954 9.98 -16.95 4.90
CA SER A 1954 10.28 -15.76 4.14
C SER A 1954 9.66 -15.83 2.74
N LEU A 1955 9.62 -14.67 2.08
CA LEU A 1955 8.99 -14.59 0.77
C LEU A 1955 9.83 -15.28 -0.31
N ASP A 1956 11.16 -15.28 -0.15
CA ASP A 1956 12.02 -15.88 -1.16
C ASP A 1956 11.75 -17.37 -1.29
N ARG A 1957 11.56 -18.05 -0.17
CA ARG A 1957 11.26 -19.47 -0.20
C ARG A 1957 9.88 -19.74 -0.79
N LEU A 1958 8.92 -18.85 -0.49
CA LEU A 1958 7.56 -19.02 -1.03
C LEU A 1958 7.53 -18.81 -2.54
N LEU A 1959 8.38 -17.92 -3.04
CA LEU A 1959 8.34 -17.59 -4.47
C LEU A 1959 8.86 -18.72 -5.33
N GLN A 1960 9.53 -19.70 -4.71
CA GLN A 1960 10.12 -20.82 -5.47
C GLN A 1960 9.51 -22.16 -5.07
N GLN A 1961 9.08 -22.32 -3.83
CA GLN A 1961 8.60 -23.61 -3.34
C GLN A 1961 7.09 -23.76 -3.38
N ASP A 1962 6.35 -22.70 -3.08
CA ASP A 1962 4.90 -22.76 -2.93
C ASP A 1962 4.25 -21.71 -3.83
N LYS A 1963 4.65 -21.71 -5.11
CA LYS A 1963 4.13 -20.74 -6.07
C LYS A 1963 2.62 -20.84 -6.24
N ALA A 1964 2.02 -21.99 -5.92
CA ALA A 1964 0.58 -22.14 -6.09
C ALA A 1964 -0.21 -21.27 -5.12
N SER A 1965 0.39 -20.91 -3.99
CA SER A 1965 -0.29 -20.10 -2.98
C SER A 1965 -0.34 -18.62 -3.32
N LEU A 1966 0.40 -18.18 -4.35
CA LEU A 1966 0.48 -16.76 -4.68
C LEU A 1966 -0.70 -16.38 -5.56
N THR A 1967 -1.85 -16.19 -4.91
CA THR A 1967 -3.00 -15.64 -5.60
C THR A 1967 -2.80 -14.13 -5.78
N ARG A 1968 -3.62 -13.55 -6.65
CA ARG A 1968 -3.50 -12.12 -6.92
C ARG A 1968 -3.74 -11.29 -5.67
N THR A 1969 -4.73 -11.67 -4.86
CA THR A 1969 -4.99 -10.96 -3.61
C THR A 1969 -3.82 -11.07 -2.64
N LEU A 1970 -3.25 -12.26 -2.51
CA LEU A 1970 -2.11 -12.43 -1.60
C LEU A 1970 -0.91 -11.63 -2.07
N GLN A 1971 -0.64 -11.62 -3.37
CA GLN A 1971 0.46 -10.83 -3.91
C GLN A 1971 0.23 -9.34 -3.64
N HIS A 1972 -0.99 -8.86 -3.87
CA HIS A 1972 -1.29 -7.45 -3.63
C HIS A 1972 -1.13 -7.10 -2.17
N ARG A 1973 -1.59 -7.98 -1.26
CA ARG A 1973 -1.48 -7.68 0.16
C ARG A 1973 -0.03 -7.69 0.61
N ILE A 1974 0.78 -8.62 0.09
CA ILE A 1974 2.21 -8.62 0.42
C ILE A 1974 2.86 -7.32 -0.03
N ALA A 1975 2.57 -6.90 -1.26
CA ALA A 1975 3.13 -5.65 -1.77
C ALA A 1975 2.68 -4.47 -0.94
N LEU A 1976 1.39 -4.43 -0.58
CA LEU A 1976 0.87 -3.33 0.21
C LEU A 1976 1.53 -3.26 1.58
N HIS A 1977 1.72 -4.41 2.23
CA HIS A 1977 2.35 -4.43 3.54
C HIS A 1977 3.81 -4.01 3.47
N VAL A 1978 4.54 -4.46 2.44
CA VAL A 1978 5.94 -4.05 2.30
C VAL A 1978 6.04 -2.56 2.04
N ALA A 1979 5.17 -2.02 1.17
CA ALA A 1979 5.17 -0.59 0.90
C ALA A 1979 4.81 0.20 2.16
N ASP A 1980 3.87 -0.32 2.95
CA ASP A 1980 3.50 0.33 4.20
C ASP A 1980 4.67 0.39 5.16
N GLY A 1981 5.42 -0.71 5.25
CA GLY A 1981 6.61 -0.75 6.09
C GLY A 1981 7.68 0.21 5.63
N LEU A 1982 7.88 0.30 4.31
CA LEU A 1982 8.85 1.25 3.78
C LEU A 1982 8.43 2.69 4.06
N ARG A 1983 7.13 2.99 3.93
CA ARG A 1983 6.64 4.32 4.26
C ARG A 1983 6.87 4.62 5.74
N TYR A 1984 6.59 3.65 6.61
CA TYR A 1984 6.83 3.82 8.04
C TYR A 1984 8.30 4.10 8.33
N LEU A 1985 9.21 3.34 7.71
CA LEU A 1985 10.64 3.56 7.94
C LEU A 1985 11.08 4.91 7.40
N HIS A 1986 10.57 5.31 6.24
CA HIS A 1986 11.03 6.56 5.61
C HIS A 1986 10.48 7.78 6.34
N SER A 1987 9.30 7.66 6.95
CA SER A 1987 8.76 8.77 7.73
C SER A 1987 9.56 9.04 8.99
N ALA A 1988 10.38 8.10 9.44
CA ALA A 1988 11.22 8.26 10.61
C ALA A 1988 12.68 8.52 10.27
N MET A 1989 12.97 8.89 9.01
CA MET A 1989 14.33 9.15 8.55
C MET A 1989 15.22 7.92 8.77
N ILE A 1990 14.66 6.74 8.53
CA ILE A 1990 15.38 5.47 8.67
C ILE A 1990 15.41 4.80 7.31
N ILE A 1991 16.59 4.34 6.89
CA ILE A 1991 16.80 3.79 5.56
C ILE A 1991 17.00 2.29 5.67
N TYR A 1992 16.21 1.53 4.91
CA TYR A 1992 16.37 0.09 4.77
C TYR A 1992 17.28 -0.15 3.57
N ARG A 1993 18.56 -0.40 3.83
CA ARG A 1993 19.56 -0.37 2.77
C ARG A 1993 19.34 -1.43 1.71
N ASP A 1994 19.10 -2.68 2.12
CA ASP A 1994 19.01 -3.80 1.18
C ASP A 1994 17.69 -4.54 1.41
N LEU A 1995 16.71 -4.26 0.55
CA LEU A 1995 15.41 -4.91 0.60
C LEU A 1995 15.33 -5.93 -0.52
N LYS A 1996 14.95 -7.15 -0.18
CA LYS A 1996 14.85 -8.24 -1.14
C LYS A 1996 13.85 -9.25 -0.59
N PRO A 1997 13.43 -10.21 -1.41
CA PRO A 1997 12.47 -11.21 -0.92
C PRO A 1997 12.92 -11.97 0.31
N HIS A 1998 14.24 -12.11 0.52
CA HIS A 1998 14.72 -12.79 1.70
C HIS A 1998 14.38 -12.04 2.97
N ASN A 1999 14.22 -10.72 2.89
CA ASN A 1999 13.97 -9.88 4.05
C ASN A 1999 12.49 -9.69 4.35
N VAL A 2000 11.61 -10.30 3.55
CA VAL A 2000 10.17 -10.18 3.75
C VAL A 2000 9.68 -11.48 4.38
N LEU A 2001 9.20 -11.38 5.62
CA LEU A 2001 8.69 -12.53 6.36
C LEU A 2001 7.18 -12.60 6.23
N LEU A 2002 6.68 -13.83 6.09
CA LEU A 2002 5.25 -14.08 5.92
C LEU A 2002 4.71 -14.78 7.17
N PHE A 2003 3.60 -14.27 7.69
CA PHE A 2003 2.98 -14.83 8.88
C PHE A 2003 1.79 -15.71 8.57
N THR A 2004 0.98 -15.36 7.57
CA THR A 2004 -0.13 -16.20 7.13
C THR A 2004 -0.16 -16.19 5.62
N LEU A 2005 -0.75 -17.23 5.05
CA LEU A 2005 -1.05 -17.29 3.62
C LEU A 2005 -2.51 -16.98 3.33
N TYR A 2006 -3.25 -16.52 4.35
CA TYR A 2006 -4.65 -16.19 4.19
C TYR A 2006 -4.75 -14.82 3.53
N PRO A 2007 -5.34 -14.69 2.34
CA PRO A 2007 -5.38 -13.38 1.68
C PRO A 2007 -6.12 -12.30 2.44
N ASN A 2008 -7.07 -12.67 3.30
CA ASN A 2008 -7.91 -11.70 4.00
C ASN A 2008 -7.43 -11.42 5.42
N ALA A 2009 -6.24 -11.90 5.79
CA ALA A 2009 -5.70 -11.63 7.11
C ALA A 2009 -5.24 -10.17 7.20
N ALA A 2010 -5.27 -9.63 8.42
CA ALA A 2010 -4.85 -8.25 8.63
C ALA A 2010 -3.35 -8.10 8.49
N ILE A 2011 -2.58 -9.04 9.02
CA ILE A 2011 -1.12 -9.02 8.94
C ILE A 2011 -0.68 -10.25 8.14
N ILE A 2012 0.03 -10.00 7.03
CA ILE A 2012 0.51 -11.05 6.15
C ILE A 2012 2.03 -10.99 5.98
N ALA A 2013 2.57 -9.81 5.70
CA ALA A 2013 3.98 -9.64 5.42
C ALA A 2013 4.58 -8.58 6.33
N LYS A 2014 5.83 -8.78 6.72
CA LYS A 2014 6.59 -7.83 7.52
C LYS A 2014 8.01 -7.77 6.99
N ILE A 2015 8.69 -6.67 7.30
CA ILE A 2015 10.06 -6.45 6.87
C ILE A 2015 11.00 -6.74 8.04
N ALA A 2016 12.04 -7.53 7.77
CA ALA A 2016 13.00 -7.90 8.79
C ALA A 2016 14.41 -7.70 8.25
N ASP A 2017 15.34 -7.35 9.14
CA ASP A 2017 16.75 -7.20 8.79
C ASP A 2017 17.57 -8.06 9.72
N TYR A 2018 17.94 -9.25 9.27
CA TYR A 2018 18.62 -10.24 10.09
C TYR A 2018 20.07 -9.83 10.30
N GLY A 2019 20.81 -10.67 11.03
CA GLY A 2019 22.23 -10.45 11.20
C GLY A 2019 23.03 -10.90 10.00
N ILE A 2020 22.97 -12.19 9.69
CA ILE A 2020 23.66 -12.79 8.55
C ILE A 2020 25.15 -12.48 8.58
N PRO A 2036 23.71 -7.06 -4.53
CA PRO A 2036 23.83 -7.93 -5.70
C PRO A 2036 22.99 -7.43 -6.87
N GLY A 2037 22.02 -8.22 -7.31
CA GLY A 2037 21.10 -7.84 -8.35
C GLY A 2037 19.89 -7.08 -7.88
N PHE A 2038 19.83 -6.73 -6.59
CA PHE A 2038 18.70 -6.01 -6.03
C PHE A 2038 19.13 -4.60 -5.61
N ARG A 2039 19.98 -3.96 -6.40
CA ARG A 2039 20.54 -2.66 -6.05
C ARG A 2039 20.19 -1.64 -7.12
N ALA A 2040 20.01 -0.39 -6.69
CA ALA A 2040 19.82 0.71 -7.62
C ALA A 2040 21.12 0.97 -8.37
N PRO A 2041 21.04 1.56 -9.57
CA PRO A 2041 22.26 1.84 -10.33
C PRO A 2041 23.25 2.71 -9.56
N GLU A 2042 22.75 3.71 -8.84
CA GLU A 2042 23.62 4.56 -8.04
C GLU A 2042 24.20 3.83 -6.84
N VAL A 2043 23.53 2.78 -6.37
CA VAL A 2043 24.08 1.96 -5.29
C VAL A 2043 25.10 0.96 -5.83
N ALA A 2044 24.81 0.36 -6.99
CA ALA A 2044 25.76 -0.57 -7.59
C ALA A 2044 27.05 0.12 -8.01
N ARG A 2045 26.94 1.32 -8.59
CA ARG A 2045 28.13 2.05 -9.02
C ARG A 2045 28.88 2.64 -7.83
N GLY A 2046 28.17 3.17 -6.85
CA GLY A 2046 28.80 3.79 -5.69
C GLY A 2046 29.49 2.78 -4.78
N TYR A 2050 21.63 4.44 2.28
CA TYR A 2050 21.80 5.03 0.96
C TYR A 2050 20.83 6.19 0.76
N ASN A 2051 19.87 6.01 -0.14
CA ASN A 2051 18.86 7.02 -0.42
C ASN A 2051 17.49 6.37 -0.42
N GLN A 2052 16.47 7.18 -0.09
CA GLN A 2052 15.11 6.65 -0.08
C GLN A 2052 14.65 6.26 -1.48
N GLN A 2053 15.14 6.95 -2.51
CA GLN A 2053 14.85 6.53 -3.88
C GLN A 2053 15.49 5.20 -4.22
N ALA A 2054 16.64 4.89 -3.64
CA ALA A 2054 17.19 3.55 -3.77
C ALA A 2054 16.29 2.49 -3.15
N ASP A 2055 15.69 2.80 -2.00
CA ASP A 2055 14.71 1.90 -1.41
C ASP A 2055 13.48 1.74 -2.28
N VAL A 2056 13.05 2.83 -2.94
CA VAL A 2056 11.92 2.74 -3.86
C VAL A 2056 12.27 1.85 -5.05
N TYR A 2057 13.51 1.96 -5.54
CA TYR A 2057 13.95 1.08 -6.63
C TYR A 2057 13.98 -0.37 -6.16
N SER A 2058 14.45 -0.62 -4.93
CA SER A 2058 14.44 -1.97 -4.39
C SER A 2058 13.02 -2.51 -4.27
N PHE A 2059 12.08 -1.67 -3.85
CA PHE A 2059 10.68 -2.09 -3.79
C PHE A 2059 10.13 -2.37 -5.18
N GLY A 2060 10.54 -1.59 -6.18
CA GLY A 2060 10.13 -1.88 -7.54
C GLY A 2060 10.62 -3.24 -8.00
N LEU A 2061 11.88 -3.56 -7.68
CA LEU A 2061 12.39 -4.89 -7.99
C LEU A 2061 11.63 -5.98 -7.25
N LEU A 2062 11.30 -5.74 -5.97
CA LEU A 2062 10.55 -6.72 -5.19
C LEU A 2062 9.16 -6.93 -5.78
N LEU A 2063 8.51 -5.85 -6.21
CA LEU A 2063 7.19 -5.96 -6.83
C LEU A 2063 7.27 -6.67 -8.17
N TYR A 2064 8.36 -6.46 -8.91
CA TYR A 2064 8.58 -7.21 -10.14
C TYR A 2064 8.72 -8.70 -9.85
N ASP A 2065 9.46 -9.05 -8.79
CA ASP A 2065 9.61 -10.45 -8.43
C ASP A 2065 8.30 -11.06 -7.97
N ILE A 2066 7.49 -10.29 -7.22
CA ILE A 2066 6.19 -10.77 -6.78
C ILE A 2066 5.27 -10.99 -7.98
N LEU A 2067 5.26 -10.04 -8.91
CA LEU A 2067 4.39 -10.15 -10.07
C LEU A 2067 4.74 -11.35 -10.93
N THR A 2068 6.01 -11.50 -11.29
CA THR A 2068 6.45 -12.64 -12.08
C THR A 2068 6.43 -13.91 -11.23
N THR A 2069 6.20 -15.03 -11.90
CA THR A 2069 6.10 -16.30 -11.20
C THR A 2069 7.41 -16.65 -10.50
N GLY A 2070 8.45 -16.91 -11.28
CA GLY A 2070 9.78 -17.10 -10.75
C GLY A 2070 10.75 -16.05 -11.27
N GLY A 2071 11.63 -16.46 -12.18
CA GLY A 2071 12.41 -15.50 -12.93
C GLY A 2071 13.74 -15.17 -12.28
N ARG A 2072 13.92 -13.89 -11.97
CA ARG A 2072 15.21 -13.36 -11.51
C ARG A 2072 15.69 -14.05 -10.25
N ILE A 2073 14.76 -14.41 -9.35
CA ILE A 2073 15.14 -15.05 -8.10
C ILE A 2073 15.74 -16.43 -8.32
N VAL A 2074 15.46 -17.05 -9.46
CA VAL A 2074 16.00 -18.36 -9.77
C VAL A 2074 17.49 -18.27 -10.09
N LEU A 2092 14.88 -4.28 -17.12
CA LEU A 2092 14.27 -5.59 -17.01
C LEU A 2092 13.37 -5.88 -18.20
N PRO A 2093 13.30 -7.15 -18.61
CA PRO A 2093 12.40 -7.52 -19.70
C PRO A 2093 10.94 -7.41 -19.26
N ASP A 2094 10.06 -7.35 -20.25
CA ASP A 2094 8.63 -7.24 -19.99
C ASP A 2094 8.16 -8.46 -19.19
N PRO A 2095 7.56 -8.26 -18.01
CA PRO A 2095 7.20 -9.40 -17.16
C PRO A 2095 6.18 -10.34 -17.79
N VAL A 2096 5.27 -9.84 -18.62
CA VAL A 2096 4.19 -10.63 -19.18
C VAL A 2096 4.69 -11.55 -20.30
N LYS A 2097 5.45 -10.99 -21.25
CA LYS A 2097 5.91 -11.79 -22.38
C LYS A 2097 6.92 -12.84 -21.96
N GLU A 2098 7.83 -12.48 -21.05
CA GLU A 2098 8.95 -13.36 -20.72
C GLU A 2098 8.52 -14.52 -19.82
N TYR A 2099 7.62 -14.28 -18.87
CA TYR A 2099 7.24 -15.30 -17.89
C TYR A 2099 5.78 -15.73 -17.99
N GLY A 2100 5.05 -15.31 -19.01
CA GLY A 2100 3.63 -15.58 -19.08
C GLY A 2100 2.85 -14.59 -18.24
N CYS A 2101 2.86 -14.78 -16.91
CA CYS A 2101 2.56 -13.75 -15.94
C CYS A 2101 1.32 -12.92 -16.29
N ALA A 2102 0.13 -13.53 -16.23
CA ALA A 2102 -1.14 -12.94 -16.63
C ALA A 2102 -1.20 -11.45 -16.27
N PRO A 2103 -1.64 -10.60 -17.21
CA PRO A 2103 -1.37 -9.16 -17.08
C PRO A 2103 -1.98 -8.53 -15.83
N TRP A 2104 -1.23 -7.60 -15.26
CA TRP A 2104 -1.68 -6.79 -14.12
C TRP A 2104 -1.39 -5.34 -14.46
N PRO A 2105 -2.27 -4.70 -15.25
CA PRO A 2105 -1.93 -3.42 -15.89
C PRO A 2105 -1.48 -2.31 -14.95
N MET A 2106 -2.10 -2.19 -13.78
CA MET A 2106 -1.77 -1.09 -12.87
C MET A 2106 -0.62 -1.39 -11.93
N VAL A 2107 -0.16 -2.65 -11.88
CA VAL A 2107 1.07 -2.98 -11.15
C VAL A 2107 2.30 -2.85 -12.03
N GLU A 2108 2.20 -3.17 -13.32
CA GLU A 2108 3.33 -2.99 -14.22
C GLU A 2108 3.71 -1.53 -14.35
N LYS A 2109 2.71 -0.63 -14.37
CA LYS A 2109 3.01 0.80 -14.42
C LYS A 2109 3.75 1.24 -13.17
N LEU A 2110 3.32 0.76 -12.00
CA LEU A 2110 4.00 1.11 -10.76
C LEU A 2110 5.43 0.58 -10.74
N ILE A 2111 5.63 -0.63 -11.26
CA ILE A 2111 6.97 -1.19 -11.36
C ILE A 2111 7.83 -0.31 -12.26
N LYS A 2112 7.27 0.12 -13.39
CA LYS A 2112 8.03 0.97 -14.31
C LYS A 2112 8.40 2.30 -13.67
N GLN A 2113 7.46 2.90 -12.92
CA GLN A 2113 7.77 4.15 -12.23
C GLN A 2113 8.83 3.95 -11.15
N CYS A 2114 8.75 2.84 -10.41
CA CYS A 2114 9.68 2.63 -9.31
C CYS A 2114 11.07 2.24 -9.79
N LEU A 2115 11.21 1.87 -11.06
CA LEU A 2115 12.50 1.45 -11.61
C LEU A 2115 13.13 2.51 -12.49
N LYS A 2116 12.64 3.75 -12.46
CA LYS A 2116 13.24 4.81 -13.26
C LYS A 2116 14.64 5.13 -12.78
N GLU A 2117 15.56 5.33 -13.72
CA GLU A 2117 16.97 5.52 -13.38
C GLU A 2117 17.20 6.80 -12.60
N ASN A 2118 16.54 7.90 -12.97
CA ASN A 2118 16.72 9.16 -12.27
C ASN A 2118 15.98 9.09 -10.95
N PRO A 2119 16.64 9.23 -9.80
CA PRO A 2119 15.97 9.11 -8.51
C PRO A 2119 14.85 10.12 -8.31
N GLN A 2120 15.02 11.31 -8.86
CA GLN A 2120 14.06 12.40 -8.68
C GLN A 2120 12.74 12.15 -9.39
N GLU A 2121 12.72 11.27 -10.38
CA GLU A 2121 11.47 10.91 -11.06
C GLU A 2121 10.76 9.74 -10.40
N ARG A 2122 11.46 8.96 -9.59
CA ARG A 2122 10.84 7.86 -8.87
C ARG A 2122 9.89 8.39 -7.81
N PRO A 2123 8.78 7.68 -7.55
CA PRO A 2123 7.85 8.13 -6.51
C PRO A 2123 8.43 7.89 -5.12
N THR A 2124 7.85 8.58 -4.15
CA THR A 2124 8.21 8.35 -2.76
C THR A 2124 7.46 7.14 -2.22
N SER A 2125 7.93 6.64 -1.07
CA SER A 2125 7.29 5.49 -0.45
C SER A 2125 5.84 5.76 -0.10
N ALA A 2126 5.53 6.98 0.34
CA ALA A 2126 4.13 7.34 0.59
C ALA A 2126 3.32 7.30 -0.70
N GLN A 2127 3.88 7.81 -1.80
CA GLN A 2127 3.18 7.75 -3.08
C GLN A 2127 3.00 6.31 -3.54
N VAL A 2128 4.00 5.46 -3.32
CA VAL A 2128 3.90 4.07 -3.72
C VAL A 2128 2.79 3.38 -2.94
N PHE A 2129 2.74 3.62 -1.62
CA PHE A 2129 1.67 3.03 -0.82
C PHE A 2129 0.30 3.54 -1.25
N ASP A 2130 0.21 4.84 -1.52
CA ASP A 2130 -1.05 5.42 -2.00
C ASP A 2130 -1.48 4.83 -3.33
N ILE A 2131 -0.55 4.51 -4.21
CA ILE A 2131 -0.88 3.83 -5.46
C ILE A 2131 -1.36 2.41 -5.20
N LEU A 2132 -0.65 1.66 -4.35
CA LEU A 2132 -1.06 0.28 -4.06
C LEU A 2132 -2.36 0.23 -3.28
N ASN A 2133 -2.68 1.27 -2.52
CA ASN A 2133 -3.93 1.34 -1.77
C ASN A 2133 -5.05 1.81 -2.69
N SER A 2134 -5.42 0.92 -3.62
CA SER A 2134 -6.44 1.23 -4.61
C SER A 2134 -7.02 -0.08 -5.11
N ALA A 2135 -8.35 -0.23 -5.01
CA ALA A 2135 -8.98 -1.45 -5.50
C ALA A 2135 -9.07 -1.46 -7.02
N GLU A 2136 -8.97 -0.28 -7.65
CA GLU A 2136 -8.86 -0.22 -9.10
C GLU A 2136 -7.59 -0.92 -9.58
N LEU A 2137 -6.50 -0.82 -8.81
CA LEU A 2137 -5.28 -1.55 -9.11
C LEU A 2137 -5.49 -3.06 -9.08
N VAL A 2138 -6.24 -3.56 -8.10
CA VAL A 2138 -6.44 -4.99 -7.96
C VAL A 2138 -7.34 -5.53 -9.06
N CYS A 2139 -8.44 -4.83 -9.35
CA CYS A 2139 -9.51 -5.38 -10.16
C CYS A 2139 -9.45 -4.97 -11.62
N LEU A 2140 -8.40 -4.28 -12.05
CA LEU A 2140 -8.22 -3.96 -13.46
C LEU A 2140 -7.41 -5.09 -14.11
N THR A 2141 -8.06 -5.85 -14.98
CA THR A 2141 -7.45 -7.04 -15.56
C THR A 2141 -6.82 -6.79 -16.93
N ARG A 2142 -7.53 -6.10 -17.83
CA ARG A 2142 -7.00 -5.79 -19.14
C ARG A 2142 -7.32 -4.34 -19.49
N ARG A 2143 -6.55 -3.79 -20.42
CA ARG A 2143 -6.80 -2.46 -20.97
C ARG A 2143 -6.33 -2.49 -22.43
N ILE A 2144 -7.26 -2.74 -23.34
CA ILE A 2144 -6.95 -2.92 -24.76
C ILE A 2144 -7.27 -1.61 -25.48
N LEU A 2145 -6.32 -1.15 -26.28
CA LEU A 2145 -6.49 0.08 -27.05
C LEU A 2145 -6.72 -0.26 -28.52
N LEU A 2146 -7.77 0.31 -29.08
CA LEU A 2146 -8.18 0.12 -30.45
C LEU A 2146 -7.42 1.05 -31.38
N PRO A 2147 -7.42 0.79 -32.69
CA PRO A 2147 -6.74 1.70 -33.62
C PRO A 2147 -7.31 3.11 -33.54
N LYS A 2148 -6.43 4.08 -33.78
CA LYS A 2148 -6.80 5.48 -33.65
C LYS A 2148 -7.88 5.86 -34.67
N ASN A 2149 -8.74 6.80 -34.27
CA ASN A 2149 -9.85 7.31 -35.06
C ASN A 2149 -10.90 6.25 -35.38
N VAL A 2150 -10.75 5.04 -34.85
CA VAL A 2150 -11.76 3.99 -34.98
C VAL A 2150 -12.61 3.99 -33.72
N ILE A 2151 -13.86 4.43 -33.85
CA ILE A 2151 -14.77 4.46 -32.72
C ILE A 2151 -15.75 3.32 -32.89
N VAL A 2152 -16.28 2.84 -31.77
CA VAL A 2152 -17.13 1.65 -31.74
C VAL A 2152 -18.48 2.04 -31.15
N GLU A 2153 -19.56 1.74 -31.89
CA GLU A 2153 -20.90 2.04 -31.42
C GLU A 2153 -21.46 0.96 -30.51
N CYS A 2154 -21.22 -0.31 -30.84
CA CYS A 2154 -21.81 -1.40 -30.06
C CYS A 2154 -20.82 -2.55 -29.97
N MET A 2155 -21.04 -3.43 -29.00
CA MET A 2155 -20.18 -4.60 -28.84
C MET A 2155 -20.96 -5.74 -28.20
N VAL A 2156 -20.58 -6.96 -28.57
CA VAL A 2156 -21.20 -8.17 -28.03
C VAL A 2156 -20.13 -9.24 -27.88
N ALA A 2157 -20.21 -10.03 -26.81
CA ALA A 2157 -19.23 -11.05 -26.52
C ALA A 2157 -19.81 -12.44 -26.73
N THR A 2158 -19.00 -13.33 -27.30
CA THR A 2158 -19.39 -14.71 -27.47
C THR A 2158 -19.48 -15.41 -26.11
N HIS A 2159 -20.53 -16.20 -25.93
CA HIS A 2159 -20.77 -16.90 -24.66
C HIS A 2159 -19.86 -18.12 -24.59
N HIS A 2160 -18.57 -17.85 -24.40
CA HIS A 2160 -17.56 -18.89 -24.32
C HIS A 2160 -16.36 -18.44 -23.50
N ALA A 2165 -13.46 -15.00 -24.91
CA ALA A 2165 -12.62 -13.80 -24.97
C ALA A 2165 -12.56 -13.25 -26.39
N SER A 2166 -13.71 -13.26 -27.07
CA SER A 2166 -13.84 -12.78 -28.44
C SER A 2166 -14.98 -11.77 -28.46
N ILE A 2167 -14.72 -10.59 -29.03
CA ILE A 2167 -15.67 -9.48 -29.00
C ILE A 2167 -15.96 -9.03 -30.43
N TRP A 2168 -17.25 -8.93 -30.76
CA TRP A 2168 -17.68 -8.33 -32.00
C TRP A 2168 -18.03 -6.87 -31.75
N LEU A 2169 -17.57 -5.99 -32.63
CA LEU A 2169 -17.75 -4.55 -32.49
C LEU A 2169 -18.47 -4.02 -33.72
N GLY A 2170 -19.49 -3.22 -33.51
CA GLY A 2170 -20.11 -2.46 -34.58
C GLY A 2170 -19.63 -1.03 -34.51
N CYS A 2171 -18.89 -0.60 -35.53
CA CYS A 2171 -18.24 0.70 -35.54
C CYS A 2171 -19.11 1.72 -36.28
N GLY A 2172 -18.82 2.99 -36.04
CA GLY A 2172 -19.57 4.07 -36.68
C GLY A 2172 -18.74 5.25 -37.11
N HIS A 2173 -17.42 5.07 -37.19
CA HIS A 2173 -16.52 6.16 -37.63
C HIS A 2173 -16.47 6.26 -39.14
N THR A 2174 -17.65 6.26 -39.77
CA THR A 2174 -17.81 6.21 -41.22
C THR A 2174 -19.30 6.23 -41.52
N ASP A 2175 -19.63 6.42 -42.79
CA ASP A 2175 -21.02 6.35 -43.21
C ASP A 2175 -21.43 4.93 -43.63
N ARG A 2176 -20.47 4.04 -43.84
CA ARG A 2176 -20.75 2.64 -44.16
C ARG A 2176 -20.30 1.78 -42.98
N GLY A 2177 -21.28 1.17 -42.30
CA GLY A 2177 -20.98 0.51 -41.03
C GLY A 2177 -19.97 -0.62 -41.19
N GLN A 2178 -19.14 -0.78 -40.18
CA GLN A 2178 -18.05 -1.75 -40.18
C GLN A 2178 -18.22 -2.71 -39.02
N LEU A 2179 -17.95 -3.98 -39.26
CA LEU A 2179 -17.97 -5.01 -38.23
C LEU A 2179 -16.54 -5.43 -37.95
N SER A 2180 -16.12 -5.32 -36.70
CA SER A 2180 -14.77 -5.62 -36.26
C SER A 2180 -14.77 -6.77 -35.27
N PHE A 2181 -13.61 -7.41 -35.14
CA PHE A 2181 -13.44 -8.54 -34.24
C PHE A 2181 -12.18 -8.28 -33.42
N LEU A 2182 -12.31 -8.40 -32.10
CA LEU A 2182 -11.20 -8.22 -31.17
C LEU A 2182 -11.01 -9.49 -30.36
N ASP A 2183 -9.79 -10.00 -30.35
CA ASP A 2183 -9.46 -11.18 -29.56
C ASP A 2183 -8.88 -10.73 -28.22
N LEU A 2184 -9.59 -11.03 -27.14
CA LEU A 2184 -9.21 -10.57 -25.81
C LEU A 2184 -8.17 -11.46 -25.13
N ASN A 2185 -7.92 -12.66 -25.67
CA ASN A 2185 -6.85 -13.49 -25.14
C ASN A 2185 -5.49 -13.06 -25.71
N THR A 2186 -5.34 -13.11 -27.02
CA THR A 2186 -4.19 -12.53 -27.72
C THR A 2186 -4.71 -11.29 -28.42
N GLU A 2187 -4.30 -10.12 -27.92
CA GLU A 2187 -4.83 -8.85 -28.42
C GLU A 2187 -4.64 -8.73 -29.91
N GLY A 2188 -5.75 -8.76 -30.64
CA GLY A 2188 -5.71 -8.72 -32.10
C GLY A 2188 -7.00 -8.19 -32.67
N TYR A 2189 -6.89 -7.23 -33.59
CA TYR A 2189 -8.03 -6.50 -34.13
C TYR A 2189 -8.10 -6.73 -35.63
N THR A 2190 -9.28 -7.13 -36.11
CA THR A 2190 -9.55 -7.23 -37.53
C THR A 2190 -10.87 -6.53 -37.81
N SER A 2191 -11.12 -6.20 -39.07
CA SER A 2191 -12.34 -5.46 -39.39
C SER A 2191 -12.73 -5.75 -40.84
N GLU A 2192 -14.00 -5.47 -41.14
CA GLU A 2192 -14.51 -5.64 -42.49
C GLU A 2192 -15.80 -4.83 -42.63
N GLU A 2193 -15.96 -4.18 -43.77
CA GLU A 2193 -17.18 -3.44 -44.07
C GLU A 2193 -18.25 -4.38 -44.57
N VAL A 2194 -19.44 -4.33 -43.96
CA VAL A 2194 -20.48 -5.31 -44.25
C VAL A 2194 -21.80 -4.64 -44.60
N ALA A 2195 -21.95 -3.36 -44.24
CA ALA A 2195 -23.23 -2.69 -44.39
C ALA A 2195 -23.03 -1.30 -44.99
N ASP A 2196 -24.08 -0.82 -45.65
CA ASP A 2196 -24.07 0.51 -46.25
C ASP A 2196 -24.21 1.61 -45.21
N SER A 2197 -24.85 1.33 -44.07
CA SER A 2197 -25.05 2.32 -43.02
C SER A 2197 -24.41 1.82 -41.73
N ARG A 2198 -24.30 2.72 -40.76
CA ARG A 2198 -23.65 2.41 -39.50
C ARG A 2198 -24.37 1.27 -38.78
N ILE A 2199 -23.59 0.38 -38.18
CA ILE A 2199 -24.12 -0.69 -37.36
C ILE A 2199 -24.44 -0.14 -35.98
N LEU A 2200 -25.73 -0.12 -35.63
CA LEU A 2200 -26.17 0.42 -34.35
C LEU A 2200 -26.24 -0.62 -33.24
N CYS A 2201 -26.50 -1.88 -33.56
CA CYS A 2201 -26.62 -2.87 -32.50
C CYS A 2201 -26.19 -4.24 -32.99
N LEU A 2202 -25.80 -5.10 -32.05
CA LEU A 2202 -25.36 -6.46 -32.35
C LEU A 2202 -26.02 -7.43 -31.39
N ALA A 2203 -26.28 -8.64 -31.89
CA ALA A 2203 -26.81 -9.71 -31.05
C ALA A 2203 -26.27 -11.04 -31.56
N LEU A 2204 -26.27 -12.04 -30.68
CA LEU A 2204 -25.82 -13.39 -31.02
C LEU A 2204 -26.98 -14.36 -30.91
N VAL A 2205 -27.23 -15.10 -31.99
CA VAL A 2205 -28.23 -16.15 -32.02
C VAL A 2205 -27.51 -17.48 -32.00
N HIS A 2206 -27.72 -18.27 -30.95
CA HIS A 2206 -27.07 -19.55 -30.77
C HIS A 2206 -28.09 -20.67 -31.00
N LEU A 2207 -27.73 -21.64 -31.85
CA LEU A 2207 -28.61 -22.74 -32.16
C LEU A 2207 -28.06 -24.06 -31.61
N GLU A 2212 -24.58 -24.36 -34.20
CA GLU A 2212 -24.43 -23.19 -35.06
C GLU A 2212 -24.62 -21.90 -34.26
N SER A 2213 -23.92 -20.85 -34.68
CA SER A 2213 -24.04 -19.54 -34.04
C SER A 2213 -23.90 -18.46 -35.09
N TRP A 2214 -24.73 -17.43 -34.99
CA TRP A 2214 -24.77 -16.33 -35.94
C TRP A 2214 -24.78 -15.02 -35.17
N ILE A 2215 -24.37 -13.94 -35.84
CA ILE A 2215 -24.44 -12.59 -35.27
C ILE A 2215 -25.34 -11.74 -36.15
N VAL A 2216 -26.34 -11.13 -35.53
CA VAL A 2216 -27.27 -10.22 -36.20
C VAL A 2216 -26.78 -8.80 -35.95
N SER A 2217 -26.57 -8.06 -37.04
CA SER A 2217 -26.18 -6.66 -36.97
C SER A 2217 -27.37 -5.82 -37.41
N GLY A 2218 -27.82 -4.93 -36.52
CA GLY A 2218 -28.85 -3.98 -36.85
C GLY A 2218 -28.23 -2.64 -37.19
N THR A 2219 -28.49 -2.19 -38.42
CA THR A 2219 -27.87 -0.99 -38.98
C THR A 2219 -28.88 0.15 -39.07
N GLN A 2220 -28.38 1.32 -39.45
CA GLN A 2220 -29.20 2.53 -39.52
C GLN A 2220 -30.29 2.43 -40.58
N SER A 2221 -30.00 1.83 -41.74
CA SER A 2221 -30.99 1.69 -42.79
C SER A 2221 -32.10 0.71 -42.42
N GLY A 2222 -31.93 -0.07 -41.36
CA GLY A 2222 -32.91 -1.04 -40.94
C GLY A 2222 -32.59 -2.47 -41.31
N THR A 2223 -31.58 -2.68 -42.14
CA THR A 2223 -31.23 -4.04 -42.55
C THR A 2223 -30.66 -4.82 -41.38
N LEU A 2224 -31.18 -6.04 -41.18
CA LEU A 2224 -30.66 -6.98 -40.19
C LEU A 2224 -29.75 -7.94 -40.92
N LEU A 2225 -28.45 -7.71 -40.84
CA LEU A 2225 -27.47 -8.53 -41.54
C LEU A 2225 -27.00 -9.64 -40.61
N VAL A 2226 -27.34 -10.88 -40.93
CA VAL A 2226 -26.99 -12.04 -40.12
C VAL A 2226 -25.77 -12.69 -40.74
N ILE A 2227 -24.67 -12.71 -40.00
CA ILE A 2227 -23.38 -13.19 -40.48
C ILE A 2227 -22.97 -14.39 -39.65
N ASN A 2228 -22.52 -15.45 -40.32
CA ASN A 2228 -22.06 -16.64 -39.61
C ASN A 2228 -20.84 -16.31 -38.75
N THR A 2229 -20.79 -16.90 -37.56
CA THR A 2229 -19.70 -16.68 -36.64
C THR A 2229 -18.50 -17.60 -36.88
N GLU A 2230 -18.66 -18.62 -37.71
CA GLU A 2230 -17.55 -19.49 -38.11
C GLU A 2230 -17.24 -19.40 -39.59
N ASP A 2231 -18.27 -19.36 -40.44
CA ASP A 2231 -18.09 -19.10 -41.85
C ASP A 2231 -18.12 -17.58 -42.06
N GLY A 2232 -17.56 -17.13 -43.18
CA GLY A 2232 -17.53 -15.72 -43.51
C GLY A 2232 -18.90 -15.19 -43.88
N LYS A 2233 -18.89 -13.98 -44.44
CA LYS A 2233 -20.14 -13.32 -44.84
C LYS A 2233 -20.77 -14.01 -46.05
N HIS A 2236 -26.54 -13.65 -44.63
CA HIS A 2236 -27.97 -13.57 -44.90
C HIS A 2236 -28.52 -12.21 -44.48
N THR A 2237 -29.70 -11.87 -44.99
CA THR A 2237 -30.41 -10.68 -44.58
C THR A 2237 -31.86 -11.04 -44.27
N LEU A 2238 -32.36 -10.53 -43.15
CA LEU A 2238 -33.76 -10.69 -42.78
C LEU A 2238 -34.58 -9.55 -43.35
N GLU A 2239 -35.89 -9.63 -43.15
CA GLU A 2239 -36.80 -8.61 -43.69
C GLU A 2239 -36.46 -7.24 -43.12
N LYS A 2240 -36.34 -6.26 -44.01
CA LYS A 2240 -35.89 -4.94 -43.61
C LYS A 2240 -36.93 -4.24 -42.74
N MET A 2241 -36.46 -3.56 -41.71
CA MET A 2241 -37.37 -2.86 -40.78
C MET A 2241 -37.72 -1.48 -41.34
N THR A 2242 -38.77 -0.85 -40.84
CA THR A 2242 -39.31 0.40 -41.34
C THR A 2242 -38.43 1.60 -40.97
N ASP A 2243 -37.48 1.42 -40.06
CA ASP A 2243 -36.59 2.49 -39.65
C ASP A 2243 -35.31 1.89 -39.08
N SER A 2244 -34.52 2.72 -38.41
CA SER A 2244 -33.26 2.27 -37.84
C SER A 2244 -33.48 1.24 -36.75
N VAL A 2245 -32.70 0.17 -36.79
CA VAL A 2245 -32.75 -0.88 -35.78
C VAL A 2245 -31.96 -0.40 -34.56
N THR A 2246 -32.67 -0.05 -33.49
CA THR A 2246 -32.05 0.56 -32.32
C THR A 2246 -31.64 -0.44 -31.24
N CYS A 2247 -32.24 -1.63 -31.20
CA CYS A 2247 -31.81 -2.61 -30.23
C CYS A 2247 -32.08 -4.01 -30.73
N LEU A 2248 -31.19 -4.95 -30.37
CA LEU A 2248 -31.35 -6.36 -30.66
C LEU A 2248 -31.16 -7.14 -29.37
N TYR A 2249 -32.08 -8.06 -29.09
CA TYR A 2249 -31.99 -8.87 -27.89
C TYR A 2249 -32.18 -10.34 -28.25
N CYS A 2250 -31.46 -11.21 -27.56
CA CYS A 2250 -31.55 -12.65 -27.80
C CYS A 2250 -31.09 -13.43 -26.56
N ASN A 2261 -36.07 -19.67 -26.91
CA ASN A 2261 -36.03 -18.21 -26.91
C ASN A 2261 -36.36 -17.64 -28.28
N PHE A 2262 -36.13 -16.34 -28.45
CA PHE A 2262 -36.45 -15.64 -29.68
C PHE A 2262 -35.42 -14.54 -29.93
N LEU A 2263 -35.57 -13.85 -31.05
CA LEU A 2263 -34.80 -12.65 -31.35
C LEU A 2263 -35.75 -11.47 -31.39
N LEU A 2264 -35.44 -10.43 -30.64
CA LEU A 2264 -36.29 -9.25 -30.55
C LEU A 2264 -35.57 -8.06 -31.17
N VAL A 2265 -36.22 -7.41 -32.13
CA VAL A 2265 -35.67 -6.30 -32.89
C VAL A 2265 -36.50 -5.07 -32.56
N GLY A 2266 -35.91 -4.14 -31.80
CA GLY A 2266 -36.58 -2.89 -31.51
C GLY A 2266 -36.11 -1.80 -32.45
N THR A 2267 -37.05 -1.25 -33.23
CA THR A 2267 -36.76 -0.29 -34.28
C THR A 2267 -36.95 1.15 -33.78
N ALA A 2268 -36.33 2.10 -34.48
CA ALA A 2268 -36.52 3.51 -34.17
C ALA A 2268 -37.93 3.98 -34.46
N ASP A 2269 -38.71 3.23 -35.21
CA ASP A 2269 -40.10 3.57 -35.50
C ASP A 2269 -41.05 3.20 -34.38
N GLY A 2270 -40.53 2.84 -33.21
CA GLY A 2270 -41.37 2.44 -32.10
C GLY A 2270 -41.93 1.05 -32.20
N LYS A 2271 -41.43 0.24 -33.12
CA LYS A 2271 -41.95 -1.09 -33.38
C LYS A 2271 -41.04 -2.15 -32.78
N LEU A 2272 -41.63 -3.29 -32.43
CA LEU A 2272 -40.89 -4.45 -31.96
C LEU A 2272 -41.23 -5.63 -32.87
N ALA A 2273 -40.22 -6.20 -33.50
CA ALA A 2273 -40.36 -7.39 -34.33
C ALA A 2273 -39.79 -8.59 -33.60
N ILE A 2274 -40.42 -9.74 -33.77
CA ILE A 2274 -40.09 -10.94 -33.03
C ILE A 2274 -39.85 -12.07 -34.04
N PHE A 2275 -38.64 -12.62 -34.01
CA PHE A 2275 -38.20 -13.69 -34.88
C PHE A 2275 -37.95 -14.95 -34.05
N GLU A 2276 -38.15 -16.11 -34.69
CA GLU A 2276 -37.75 -17.37 -34.11
C GLU A 2276 -36.29 -17.67 -34.48
N ASP A 2277 -35.61 -18.42 -33.61
CA ASP A 2277 -34.21 -18.74 -33.86
C ASP A 2277 -34.02 -19.45 -35.20
N LYS A 2278 -34.92 -20.37 -35.53
CA LYS A 2278 -34.86 -21.03 -36.84
C LYS A 2278 -35.22 -20.06 -37.97
N THR A 2279 -36.02 -19.04 -37.67
CA THR A 2279 -36.43 -18.09 -38.70
C THR A 2279 -35.24 -17.28 -39.21
N VAL A 2280 -34.36 -16.85 -38.30
CA VAL A 2280 -33.27 -15.94 -38.66
C VAL A 2280 -32.22 -16.66 -39.49
N LYS A 2281 -32.30 -18.00 -39.55
CA LYS A 2281 -31.30 -18.77 -40.27
C LYS A 2281 -31.44 -18.62 -41.78
N LEU A 2282 -32.64 -18.31 -42.27
CA LEU A 2282 -32.91 -18.27 -43.70
C LEU A 2282 -32.97 -16.83 -44.21
N LYS A 2283 -32.58 -16.66 -45.47
CA LYS A 2283 -32.55 -15.33 -46.08
C LYS A 2283 -33.95 -14.76 -46.25
N GLY A 2284 -34.10 -13.48 -45.93
CA GLY A 2284 -35.34 -12.75 -46.17
C GLY A 2284 -36.51 -13.17 -45.32
N ALA A 2285 -36.29 -13.98 -44.28
CA ALA A 2285 -37.40 -14.48 -43.48
C ALA A 2285 -38.03 -13.35 -42.67
N ALA A 2286 -39.36 -13.35 -42.63
CA ALA A 2286 -40.16 -12.37 -41.91
C ALA A 2286 -40.24 -12.71 -40.43
N PRO A 2287 -40.43 -11.71 -39.57
CA PRO A 2287 -40.55 -11.99 -38.14
C PRO A 2287 -41.82 -12.76 -37.82
N LEU A 2288 -41.75 -13.49 -36.70
CA LEU A 2288 -42.93 -14.19 -36.21
C LEU A 2288 -44.05 -13.21 -35.88
N LYS A 2289 -43.70 -12.09 -35.26
CA LYS A 2289 -44.68 -11.05 -34.94
C LYS A 2289 -44.08 -9.67 -35.18
N ILE A 2290 -44.94 -8.68 -35.32
CA ILE A 2290 -44.55 -7.27 -35.30
C ILE A 2290 -45.64 -6.54 -34.51
N LEU A 2291 -45.23 -5.60 -33.68
CA LEU A 2291 -46.21 -4.85 -32.90
C LEU A 2291 -45.73 -3.43 -32.62
N ASN A 2292 -46.68 -2.55 -32.30
CA ASN A 2292 -46.42 -1.15 -32.06
C ASN A 2292 -46.60 -0.83 -30.59
N ILE A 2293 -45.54 -0.35 -29.94
CA ILE A 2293 -45.63 0.18 -28.58
C ILE A 2293 -45.60 1.70 -28.58
N GLY A 2294 -44.71 2.30 -29.36
CA GLY A 2294 -44.62 3.74 -29.45
C GLY A 2294 -45.04 4.28 -30.79
N ASN A 2295 -44.33 5.30 -31.28
CA ASN A 2295 -44.64 5.91 -32.57
C ASN A 2295 -43.34 6.26 -33.27
N VAL A 2296 -43.44 7.09 -34.30
CA VAL A 2296 -42.30 7.48 -35.12
C VAL A 2296 -41.26 8.20 -34.28
N SER A 2297 -41.71 9.07 -33.38
CA SER A 2297 -40.83 9.91 -32.59
C SER A 2297 -40.42 9.28 -31.26
N THR A 2298 -40.83 8.05 -30.98
CA THR A 2298 -40.49 7.35 -29.74
C THR A 2298 -39.77 6.06 -30.09
N PRO A 2299 -38.45 6.10 -30.17
CA PRO A 2299 -37.70 4.89 -30.54
C PRO A 2299 -37.75 3.84 -29.43
N LEU A 2300 -37.81 2.57 -29.85
CA LEU A 2300 -37.70 1.44 -28.93
C LEU A 2300 -36.24 1.30 -28.56
N MET A 2301 -35.81 1.93 -27.48
CA MET A 2301 -34.35 1.98 -27.30
C MET A 2301 -33.80 0.96 -26.36
N CYS A 2302 -34.62 0.31 -25.55
CA CYS A 2302 -33.97 -0.73 -24.77
C CYS A 2302 -34.89 -1.89 -24.46
N LEU A 2303 -34.29 -3.04 -24.17
CA LEU A 2303 -34.97 -4.25 -23.75
C LEU A 2303 -34.14 -4.94 -22.68
N SER A 2304 -34.81 -5.65 -21.78
CA SER A 2304 -34.14 -6.41 -20.73
C SER A 2304 -35.06 -7.53 -20.28
N GLU A 2305 -34.49 -8.50 -19.57
CA GLU A 2305 -35.24 -9.69 -19.15
C GLU A 2305 -35.10 -9.88 -17.65
N SER A 2306 -36.17 -10.33 -17.01
CA SER A 2306 -36.12 -10.72 -15.61
C SER A 2306 -37.33 -11.56 -15.24
N ASN A 2313 -40.11 -16.05 -17.13
CA ASN A 2313 -39.54 -14.71 -17.01
C ASN A 2313 -40.40 -13.69 -17.74
N VAL A 2314 -40.13 -12.41 -17.48
CA VAL A 2314 -40.88 -11.30 -18.06
C VAL A 2314 -39.91 -10.41 -18.82
N MET A 2315 -40.30 -10.01 -20.03
CA MET A 2315 -39.48 -9.15 -20.86
C MET A 2315 -39.92 -7.70 -20.67
N TRP A 2316 -39.04 -6.89 -20.08
CA TRP A 2316 -39.28 -5.46 -19.91
C TRP A 2316 -38.60 -4.70 -21.03
N GLY A 2317 -39.08 -3.50 -21.29
CA GLY A 2317 -38.50 -2.69 -22.33
C GLY A 2317 -38.77 -1.23 -22.09
N GLY A 2318 -37.94 -0.40 -22.70
CA GLY A 2318 -38.07 1.04 -22.60
C GLY A 2318 -38.19 1.67 -23.96
N CYS A 2319 -39.32 2.36 -24.18
CA CYS A 2319 -39.65 2.99 -25.45
C CYS A 2319 -40.11 4.42 -25.15
N GLY A 2320 -39.38 5.41 -25.67
CA GLY A 2320 -39.70 6.78 -25.33
C GLY A 2320 -39.57 7.01 -23.85
N THR A 2321 -40.65 7.54 -23.24
CA THR A 2321 -40.71 7.73 -21.80
C THR A 2321 -41.53 6.63 -21.11
N LYS A 2322 -41.81 5.53 -21.80
CA LYS A 2322 -42.65 4.47 -21.27
C LYS A 2322 -41.84 3.21 -21.00
N ILE A 2323 -42.17 2.56 -19.88
CA ILE A 2323 -41.72 1.22 -19.57
C ILE A 2323 -42.84 0.27 -19.96
N PHE A 2324 -42.57 -0.64 -20.88
CA PHE A 2324 -43.56 -1.63 -21.28
C PHE A 2324 -43.09 -3.01 -20.87
N SER A 2325 -44.04 -3.90 -20.65
CA SER A 2325 -43.71 -5.27 -20.25
C SER A 2325 -44.51 -6.24 -21.09
N PHE A 2326 -43.94 -7.43 -21.30
CA PHE A 2326 -44.66 -8.48 -22.01
C PHE A 2326 -44.14 -9.86 -21.62
N SER A 2327 -45.04 -10.83 -21.75
CA SER A 2327 -44.81 -12.24 -21.48
C SER A 2327 -44.67 -13.00 -22.80
N ASN A 2328 -44.68 -14.33 -22.72
CA ASN A 2328 -44.51 -15.18 -23.90
C ASN A 2328 -45.59 -14.95 -24.96
N ASP A 2329 -46.75 -14.42 -24.59
CA ASP A 2329 -47.80 -14.14 -25.55
C ASP A 2329 -47.45 -13.00 -26.50
N PHE A 2330 -46.37 -12.27 -26.22
CA PHE A 2330 -45.96 -11.11 -27.02
C PHE A 2330 -47.07 -10.07 -27.11
N THR A 2331 -47.70 -9.80 -25.98
CA THR A 2331 -48.69 -8.74 -25.84
C THR A 2331 -48.32 -7.84 -24.66
N ILE A 2332 -48.60 -6.55 -24.80
CA ILE A 2332 -48.21 -5.55 -23.82
C ILE A 2332 -49.07 -5.75 -22.58
N GLN A 2333 -48.42 -5.85 -21.43
CA GLN A 2333 -49.10 -6.04 -20.15
C GLN A 2333 -49.08 -4.80 -19.27
N LYS A 2334 -47.90 -4.22 -19.05
CA LYS A 2334 -47.76 -3.01 -18.25
C LYS A 2334 -47.18 -1.89 -19.09
N LEU A 2335 -47.79 -0.72 -18.98
CA LEU A 2335 -47.29 0.52 -19.59
C LEU A 2335 -47.21 1.56 -18.47
N ILE A 2336 -45.98 1.95 -18.12
CA ILE A 2336 -45.73 2.90 -17.05
C ILE A 2336 -45.12 4.15 -17.67
N GLU A 2337 -45.78 5.28 -17.52
CA GLU A 2337 -45.29 6.55 -18.05
C GLU A 2337 -44.43 7.21 -16.99
N THR A 2338 -43.12 7.22 -17.20
CA THR A 2338 -42.18 7.77 -16.23
C THR A 2338 -42.19 9.29 -16.17
N ARG A 2339 -42.85 9.94 -17.12
CA ARG A 2339 -42.84 11.40 -17.19
C ARG A 2339 -43.26 12.03 -15.88
N THR A 2340 -44.19 11.41 -15.16
CA THR A 2340 -44.72 11.98 -13.92
C THR A 2340 -43.63 12.21 -12.88
N SER A 2341 -42.49 11.53 -12.99
CA SER A 2341 -41.40 11.78 -12.05
C SER A 2341 -40.86 13.21 -12.14
N GLN A 2342 -41.40 14.05 -13.03
CA GLN A 2342 -41.04 15.46 -12.99
C GLN A 2342 -41.48 16.10 -11.69
N LEU A 2343 -42.50 15.52 -11.03
CA LEU A 2343 -42.91 16.04 -9.73
C LEU A 2343 -41.82 15.89 -8.68
N PHE A 2344 -40.93 14.91 -8.83
CA PHE A 2344 -39.84 14.68 -7.89
C PHE A 2344 -38.47 14.93 -8.49
N SER A 2345 -38.30 14.71 -9.78
CA SER A 2345 -37.03 14.95 -10.47
C SER A 2345 -37.12 16.31 -11.18
N TYR A 2346 -36.16 16.68 -12.03
CA TYR A 2346 -36.21 17.93 -12.77
C TYR A 2346 -36.87 17.66 -14.11
N ALA A 2347 -37.63 18.63 -14.60
CA ALA A 2347 -38.53 18.38 -15.72
C ALA A 2347 -37.80 17.96 -16.99
N ALA A 2348 -36.69 18.61 -17.32
CA ALA A 2348 -35.97 18.29 -18.54
C ALA A 2348 -35.31 16.93 -18.50
N PHE A 2349 -35.16 16.33 -17.32
CA PHE A 2349 -34.58 15.00 -17.17
C PHE A 2349 -35.62 13.90 -17.27
N SER A 2350 -36.81 14.13 -16.73
CA SER A 2350 -37.88 13.14 -16.76
C SER A 2350 -38.67 13.15 -18.07
N ASP A 2351 -38.43 14.12 -18.94
CA ASP A 2351 -39.09 14.19 -20.24
C ASP A 2351 -38.25 13.59 -21.35
N SER A 2352 -37.12 13.00 -21.01
CA SER A 2352 -36.17 12.47 -21.98
C SER A 2352 -36.48 11.01 -22.29
N ASN A 2353 -36.00 10.55 -23.45
CA ASN A 2353 -36.22 9.17 -23.85
C ASN A 2353 -35.43 8.22 -22.98
N ILE A 2354 -36.06 7.09 -22.63
CA ILE A 2354 -35.39 6.06 -21.84
C ILE A 2354 -34.39 5.33 -22.73
N ILE A 2355 -33.15 5.22 -22.26
CA ILE A 2355 -32.09 4.65 -23.08
C ILE A 2355 -31.72 3.26 -22.60
N THR A 2356 -31.96 2.96 -21.32
CA THR A 2356 -31.68 1.62 -20.80
C THR A 2356 -32.54 1.35 -19.58
N VAL A 2357 -33.03 0.11 -19.48
CA VAL A 2357 -33.84 -0.35 -18.37
C VAL A 2357 -33.15 -1.55 -17.74
N VAL A 2358 -33.01 -1.53 -16.42
CA VAL A 2358 -32.39 -2.62 -15.66
C VAL A 2358 -33.36 -3.06 -14.57
N VAL A 2359 -33.63 -4.35 -14.49
CA VAL A 2359 -34.63 -4.90 -13.58
C VAL A 2359 -34.06 -6.10 -12.84
N ASP A 2360 -34.04 -6.01 -11.51
CA ASP A 2360 -33.81 -7.18 -10.68
C ASP A 2360 -35.01 -7.41 -9.74
N THR A 2361 -35.36 -6.37 -8.98
CA THR A 2361 -36.58 -6.35 -8.18
C THR A 2361 -37.34 -5.04 -8.33
N ALA A 2362 -36.66 -3.96 -8.70
CA ALA A 2362 -37.29 -2.71 -9.10
C ALA A 2362 -36.65 -2.27 -10.41
N LEU A 2363 -37.40 -1.53 -11.20
CA LEU A 2363 -36.94 -1.07 -12.50
C LEU A 2363 -35.98 0.10 -12.31
N TYR A 2364 -34.79 0.01 -12.89
CA TYR A 2364 -33.81 1.09 -12.87
C TYR A 2364 -33.76 1.70 -14.27
N ILE A 2365 -34.07 2.98 -14.36
CA ILE A 2365 -34.32 3.66 -15.63
C ILE A 2365 -33.31 4.79 -15.78
N ALA A 2366 -32.59 4.78 -16.89
CA ALA A 2366 -31.71 5.88 -17.26
C ALA A 2366 -32.26 6.54 -18.52
N LYS A 2367 -32.25 7.86 -18.54
CA LYS A 2367 -32.80 8.63 -19.65
C LYS A 2367 -31.70 9.41 -20.34
N GLN A 2368 -31.99 9.83 -21.57
CA GLN A 2368 -31.00 10.52 -22.39
C GLN A 2368 -30.66 11.87 -21.78
N ASN A 2369 -29.36 12.18 -21.72
CA ASN A 2369 -28.83 13.43 -21.21
C ASN A 2369 -29.20 13.71 -19.77
N SER A 2370 -29.72 12.72 -19.05
CA SER A 2370 -30.20 12.91 -17.69
C SER A 2370 -29.20 12.33 -16.69
N PRO A 2371 -28.79 13.12 -15.70
CA PRO A 2371 -27.91 12.61 -14.64
C PRO A 2371 -28.62 11.87 -13.52
N VAL A 2372 -29.92 11.63 -13.63
CA VAL A 2372 -30.72 11.02 -12.57
C VAL A 2372 -31.21 9.67 -13.04
N VAL A 2373 -30.98 8.65 -12.22
CA VAL A 2373 -31.48 7.30 -12.48
C VAL A 2373 -32.71 7.06 -11.64
N GLU A 2374 -33.82 6.74 -12.28
CA GLU A 2374 -35.09 6.56 -11.59
C GLU A 2374 -35.26 5.10 -11.18
N VAL A 2375 -35.91 4.89 -10.04
CA VAL A 2375 -36.20 3.54 -9.54
C VAL A 2375 -37.70 3.44 -9.36
N TRP A 2376 -38.31 2.50 -10.08
CA TRP A 2376 -39.75 2.32 -10.15
C TRP A 2376 -40.15 0.94 -9.62
N ASP A 2377 -41.36 0.87 -9.06
CA ASP A 2377 -41.87 -0.38 -8.49
C ASP A 2377 -42.48 -1.22 -9.60
N LYS A 2378 -42.14 -2.52 -9.62
CA LYS A 2378 -42.68 -3.41 -10.65
C LYS A 2378 -44.15 -3.76 -10.40
N LYS A 2379 -44.60 -3.71 -9.14
CA LYS A 2379 -45.96 -4.10 -8.80
C LYS A 2379 -46.93 -2.93 -8.81
N THR A 2380 -46.61 -1.83 -8.13
CA THR A 2380 -47.50 -0.68 -8.03
C THR A 2380 -47.28 0.35 -9.12
N GLU A 2381 -46.24 0.19 -9.94
CA GLU A 2381 -45.95 1.13 -11.04
C GLU A 2381 -45.78 2.55 -10.53
N LYS A 2382 -45.12 2.71 -9.39
CA LYS A 2382 -44.91 4.00 -8.77
C LYS A 2382 -43.41 4.24 -8.58
N LEU A 2383 -43.04 5.52 -8.58
CA LEU A 2383 -41.64 5.88 -8.40
C LEU A 2383 -41.18 5.53 -6.99
N CYS A 2384 -40.17 4.66 -6.92
CA CYS A 2384 -39.59 4.26 -5.63
C CYS A 2384 -38.48 5.19 -5.19
N GLY A 2385 -37.67 5.70 -6.10
CA GLY A 2385 -36.57 6.56 -5.70
C GLY A 2385 -35.88 7.20 -6.87
N LEU A 2386 -34.96 8.11 -6.55
CA LEU A 2386 -34.12 8.79 -7.52
C LEU A 2386 -32.68 8.71 -7.07
N ILE A 2387 -31.78 8.48 -8.02
CA ILE A 2387 -30.34 8.46 -7.77
C ILE A 2387 -29.75 9.63 -8.53
N ASP A 2388 -29.19 10.60 -7.79
CA ASP A 2388 -28.56 11.77 -8.38
C ASP A 2388 -27.07 11.48 -8.53
N CYS A 2389 -26.61 11.31 -9.77
CA CYS A 2389 -25.20 11.02 -10.00
C CYS A 2389 -24.32 12.25 -9.78
N VAL A 2390 -24.83 13.45 -10.06
CA VAL A 2390 -24.06 14.66 -9.81
C VAL A 2390 -23.77 14.82 -8.32
N HIS A 2391 -24.74 14.47 -7.48
CA HIS A 2391 -24.54 14.54 -6.03
C HIS A 2391 -23.41 13.62 -5.59
N PHE A 2392 -23.39 12.40 -6.12
CA PHE A 2392 -22.33 11.46 -5.75
C PHE A 2392 -20.98 11.91 -6.28
N LEU A 2393 -20.95 12.46 -7.50
CA LEU A 2393 -19.68 12.90 -8.08
C LEU A 2393 -19.13 14.11 -7.35
N ARG A 2394 -20.00 14.99 -6.85
CA ARG A 2394 -19.55 16.17 -6.12
C ARG A 2394 -18.86 15.82 -4.80
N GLU A 2395 -19.10 14.63 -4.27
CA GLU A 2395 -18.40 14.16 -3.07
C GLU A 2395 -16.96 13.80 -3.33
N VAL A 2396 -16.58 13.60 -4.60
CA VAL A 2396 -15.22 13.25 -4.99
C VAL A 2396 -14.57 14.38 -5.80
N MET A 2397 -15.35 15.02 -6.66
CA MET A 2397 -14.88 16.11 -7.51
C MET A 2397 -13.72 15.69 -8.40
N SER A 2411 -19.46 15.98 -15.03
CA SER A 2411 -20.60 15.84 -15.91
C SER A 2411 -21.80 15.29 -15.16
N GLY A 2412 -21.84 13.97 -14.98
CA GLY A 2412 -22.91 13.29 -14.29
C GLY A 2412 -23.95 12.66 -15.19
N ARG A 2413 -23.98 13.02 -16.47
CA ARG A 2413 -24.95 12.45 -17.38
C ARG A 2413 -24.72 10.95 -17.53
N VAL A 2414 -25.80 10.18 -17.45
CA VAL A 2414 -25.70 8.72 -17.46
C VAL A 2414 -25.75 8.22 -18.90
N LYS A 2415 -24.75 7.41 -19.28
CA LYS A 2415 -24.67 6.80 -20.59
C LYS A 2415 -24.97 5.30 -20.57
N THR A 2416 -24.44 4.58 -19.59
CA THR A 2416 -24.65 3.14 -19.48
C THR A 2416 -25.18 2.82 -18.08
N LEU A 2417 -25.85 1.67 -17.98
CA LEU A 2417 -26.43 1.23 -16.72
C LEU A 2417 -26.40 -0.29 -16.71
N CYS A 2418 -25.50 -0.87 -15.93
CA CYS A 2418 -25.34 -2.31 -15.89
C CYS A 2418 -25.56 -2.79 -14.46
N LEU A 2419 -26.01 -4.02 -14.32
CA LEU A 2419 -26.39 -4.59 -13.02
C LEU A 2419 -25.56 -5.80 -12.70
N GLN A 2420 -25.03 -5.85 -11.48
CA GLN A 2420 -24.38 -7.04 -10.95
C GLN A 2420 -25.34 -7.70 -9.96
N LYS A 2421 -25.70 -8.95 -10.23
CA LYS A 2421 -26.68 -9.64 -9.40
C LYS A 2421 -26.19 -9.80 -7.96
N ASN A 2422 -24.87 -9.78 -7.75
CA ASN A 2422 -24.30 -9.89 -6.41
C ASN A 2422 -24.27 -8.50 -5.76
N THR A 2423 -25.46 -7.90 -5.68
CA THR A 2423 -25.70 -6.69 -4.91
C THR A 2423 -24.78 -5.53 -5.32
N ALA A 2424 -24.92 -5.06 -6.56
CA ALA A 2424 -24.17 -3.89 -7.00
C ALA A 2424 -24.82 -3.34 -8.27
N LEU A 2425 -24.81 -2.01 -8.40
CA LEU A 2425 -25.25 -1.33 -9.61
C LEU A 2425 -24.08 -0.52 -10.16
N TRP A 2426 -23.77 -0.74 -11.44
CA TRP A 2426 -22.69 -0.03 -12.13
C TRP A 2426 -23.33 1.03 -13.01
N ILE A 2427 -22.95 2.29 -12.81
CA ILE A 2427 -23.47 3.40 -13.59
C ILE A 2427 -22.31 4.04 -14.33
N GLY A 2428 -22.39 4.05 -15.66
CA GLY A 2428 -21.41 4.72 -16.49
C GLY A 2428 -21.89 6.12 -16.81
N THR A 2429 -21.01 7.10 -16.61
CA THR A 2429 -21.32 8.49 -16.83
C THR A 2429 -20.63 8.99 -18.10
N GLY A 2430 -21.07 10.16 -18.56
CA GLY A 2430 -20.50 10.78 -19.73
C GLY A 2430 -19.19 11.49 -19.50
N GLY A 2431 -18.73 11.57 -18.25
CA GLY A 2431 -17.44 12.16 -17.94
C GLY A 2431 -16.37 11.12 -17.72
N GLY A 2432 -16.71 9.85 -17.96
CA GLY A 2432 -15.76 8.78 -17.79
C GLY A 2432 -15.69 8.18 -16.40
N HIS A 2433 -16.72 8.38 -15.57
CA HIS A 2433 -16.76 7.86 -14.22
C HIS A 2433 -17.68 6.65 -14.15
N ILE A 2434 -17.39 5.76 -13.20
CA ILE A 2434 -18.20 4.59 -12.92
C ILE A 2434 -18.64 4.68 -11.46
N LEU A 2435 -19.94 4.83 -11.24
CA LEU A 2435 -20.50 4.84 -9.91
C LEU A 2435 -20.94 3.43 -9.54
N LEU A 2436 -20.29 2.85 -8.53
CA LEU A 2436 -20.69 1.58 -7.96
C LEU A 2436 -21.57 1.88 -6.76
N LEU A 2437 -22.83 1.44 -6.82
CA LEU A 2437 -23.80 1.64 -5.76
C LEU A 2437 -24.23 0.31 -5.17
N ASP A 2438 -24.52 0.31 -3.88
CA ASP A 2438 -25.08 -0.86 -3.20
C ASP A 2438 -26.60 -0.72 -3.19
N LEU A 2439 -27.30 -1.62 -3.88
CA LEU A 2439 -28.75 -1.51 -4.03
C LEU A 2439 -29.46 -1.99 -2.76
N SER A 2440 -29.04 -1.38 -1.64
CA SER A 2440 -29.67 -1.56 -0.32
C SER A 2440 -29.46 -0.24 0.40
N THR A 2441 -30.49 0.59 0.40
CA THR A 2441 -30.51 2.02 0.75
C THR A 2441 -29.79 2.83 -0.32
N ARG A 2442 -29.30 2.19 -1.39
CA ARG A 2442 -28.69 2.88 -2.54
C ARG A 2442 -27.56 3.79 -2.12
N ARG A 2443 -26.71 3.29 -1.22
CA ARG A 2443 -25.52 4.01 -0.81
C ARG A 2443 -24.42 3.89 -1.86
N LEU A 2444 -23.53 4.87 -1.89
CA LEU A 2444 -22.43 4.86 -2.84
C LEU A 2444 -21.32 3.94 -2.35
N ILE A 2445 -21.01 2.92 -3.13
CA ILE A 2445 -19.84 2.08 -2.84
C ILE A 2445 -18.55 2.76 -3.27
N ARG A 2446 -18.48 3.22 -4.51
CA ARG A 2446 -17.21 3.75 -5.00
C ARG A 2446 -17.45 4.55 -6.28
N VAL A 2447 -16.47 5.41 -6.59
CA VAL A 2447 -16.41 6.12 -7.86
C VAL A 2447 -15.08 5.81 -8.52
N ILE A 2448 -15.14 5.16 -9.68
CA ILE A 2448 -13.96 4.76 -10.44
C ILE A 2448 -13.75 5.76 -11.56
N TYR A 2449 -12.51 6.20 -11.75
CA TYR A 2449 -12.20 7.12 -12.84
C TYR A 2449 -10.72 7.03 -13.18
N ASN A 2450 -10.24 8.01 -13.95
CA ASN A 2450 -8.86 8.07 -14.42
C ASN A 2450 -8.52 6.91 -15.34
N PHE A 2451 -9.46 6.53 -16.21
CA PHE A 2451 -9.21 5.53 -17.23
C PHE A 2451 -9.75 5.89 -18.61
N CYS A 2452 -10.63 6.89 -18.70
CA CYS A 2452 -11.16 7.35 -19.98
C CYS A 2452 -11.81 8.71 -19.77
N ASN A 2453 -12.36 9.24 -20.85
CA ASN A 2453 -13.05 10.53 -20.82
C ASN A 2453 -14.56 10.41 -20.94
N SER A 2454 -15.07 9.26 -21.42
CA SER A 2454 -16.50 9.05 -21.55
C SER A 2454 -16.81 7.57 -21.68
N VAL A 2455 -17.68 7.06 -20.81
CA VAL A 2455 -18.05 5.65 -20.80
C VAL A 2455 -19.13 5.46 -21.86
N ARG A 2456 -18.90 4.57 -22.80
CA ARG A 2456 -19.88 4.45 -23.89
C ARG A 2456 -20.62 3.13 -23.85
N VAL A 2457 -19.93 2.05 -23.56
CA VAL A 2457 -20.64 0.78 -23.43
C VAL A 2457 -20.19 0.11 -22.13
N MET A 2458 -21.08 -0.67 -21.53
CA MET A 2458 -20.76 -1.43 -20.32
C MET A 2458 -21.56 -2.72 -20.34
N MET A 2459 -20.89 -3.85 -20.14
CA MET A 2459 -21.60 -5.12 -20.17
C MET A 2459 -20.78 -6.22 -19.49
N THR A 2460 -21.48 -7.18 -18.90
CA THR A 2460 -20.85 -8.32 -18.24
C THR A 2460 -20.57 -9.41 -19.27
N ALA A 2461 -19.44 -10.11 -19.07
CA ALA A 2461 -19.03 -11.12 -20.03
C ALA A 2461 -18.15 -12.17 -19.36
N GLN A 2462 -17.87 -13.23 -20.14
CA GLN A 2462 -17.02 -14.33 -19.73
C GLN A 2462 -15.75 -14.34 -20.57
N LEU A 2463 -14.60 -14.45 -19.89
CA LEU A 2463 -13.32 -14.57 -20.56
C LEU A 2463 -12.79 -16.00 -20.55
N GLY A 2464 -13.64 -16.96 -20.19
CA GLY A 2464 -13.20 -18.34 -20.04
C GLY A 2464 -12.61 -18.61 -18.67
N SER A 2465 -12.44 -19.90 -18.38
CA SER A 2465 -11.93 -20.36 -17.09
C SER A 2465 -12.77 -19.82 -15.93
N LEU A 2466 -14.08 -19.66 -16.19
CA LEU A 2466 -15.03 -19.17 -15.19
C LEU A 2466 -14.62 -17.81 -14.64
N LYS A 2467 -14.17 -16.92 -15.50
CA LYS A 2467 -13.75 -15.58 -15.10
C LYS A 2467 -14.85 -14.58 -15.52
N ASN A 2468 -15.60 -14.10 -14.54
CA ASN A 2468 -16.66 -13.12 -14.78
C ASN A 2468 -16.03 -11.73 -14.81
N VAL A 2469 -16.25 -10.98 -15.89
CA VAL A 2469 -15.66 -9.67 -16.04
C VAL A 2469 -16.72 -8.66 -16.48
N MET A 2470 -16.40 -7.39 -16.26
CA MET A 2470 -17.16 -6.28 -16.81
C MET A 2470 -16.31 -5.58 -17.86
N LEU A 2471 -16.84 -5.49 -19.08
CA LEU A 2471 -16.20 -4.81 -20.18
C LEU A 2471 -16.78 -3.41 -20.27
N VAL A 2472 -15.90 -2.40 -20.19
CA VAL A 2472 -16.27 -1.00 -20.28
C VAL A 2472 -15.58 -0.44 -21.52
N LEU A 2473 -16.37 -0.12 -22.54
CA LEU A 2473 -15.88 0.58 -23.71
C LEU A 2473 -15.94 2.07 -23.43
N GLY A 2474 -14.76 2.68 -23.28
CA GLY A 2474 -14.64 4.08 -22.94
C GLY A 2474 -13.86 4.81 -24.00
N TYR A 2475 -13.84 6.13 -23.90
CA TYR A 2475 -13.28 6.99 -24.93
C TYR A 2475 -12.29 7.96 -24.30
N ASN A 2476 -11.17 8.18 -24.97
CA ASN A 2476 -10.14 9.08 -24.48
C ASN A 2476 -10.07 10.39 -25.27
N ARG A 2477 -11.16 10.81 -25.86
CA ARG A 2477 -11.21 12.06 -26.61
C ARG A 2477 -10.92 13.26 -25.71
N GLU A 2488 -7.13 11.69 -33.31
CA GLU A 2488 -8.08 12.55 -32.61
C GLU A 2488 -8.75 11.82 -31.46
N ILE A 2489 -9.46 10.73 -31.78
CA ILE A 2489 -10.25 9.98 -30.82
C ILE A 2489 -9.56 8.65 -30.58
N GLN A 2490 -9.36 8.31 -29.31
CA GLN A 2490 -8.76 7.04 -28.91
C GLN A 2490 -9.75 6.31 -28.01
N SER A 2491 -10.32 5.23 -28.53
CA SER A 2491 -11.28 4.42 -27.78
C SER A 2491 -10.59 3.19 -27.21
N CYS A 2492 -10.98 2.81 -26.00
CA CYS A 2492 -10.32 1.73 -25.31
C CYS A 2492 -11.37 0.81 -24.70
N LEU A 2493 -10.96 -0.45 -24.49
CA LEU A 2493 -11.79 -1.47 -23.87
C LEU A 2493 -11.13 -1.89 -22.56
N THR A 2494 -11.81 -1.65 -21.45
CA THR A 2494 -11.26 -1.89 -20.11
C THR A 2494 -11.97 -3.07 -19.49
N VAL A 2495 -11.20 -3.98 -18.89
CA VAL A 2495 -11.74 -5.19 -18.30
C VAL A 2495 -11.59 -5.09 -16.78
N TRP A 2496 -12.70 -5.23 -16.07
CA TRP A 2496 -12.73 -5.16 -14.62
C TRP A 2496 -13.18 -6.48 -14.03
N ASP A 2497 -12.60 -6.86 -12.90
CA ASP A 2497 -13.06 -8.03 -12.18
C ASP A 2497 -14.46 -7.77 -11.62
N ILE A 2498 -15.32 -8.77 -11.73
CA ILE A 2498 -16.72 -8.62 -11.32
C ILE A 2498 -16.86 -8.36 -9.83
N ASN A 2499 -15.84 -8.68 -9.03
CA ASN A 2499 -15.89 -8.48 -7.59
C ASN A 2499 -15.32 -7.14 -7.15
N LEU A 2500 -15.37 -6.13 -8.02
CA LEU A 2500 -14.81 -4.82 -7.69
C LEU A 2500 -15.44 -4.16 -6.48
N PRO A 2501 -16.78 -4.12 -6.32
CA PRO A 2501 -17.34 -3.54 -5.09
C PRO A 2501 -16.92 -4.26 -3.82
N HIS A 2502 -16.92 -5.60 -3.86
CA HIS A 2502 -16.45 -6.38 -2.72
C HIS A 2502 -14.99 -6.10 -2.42
N GLU A 2503 -14.16 -5.98 -3.46
CA GLU A 2503 -12.75 -5.66 -3.24
C GLU A 2503 -12.59 -4.27 -2.65
N VAL A 2504 -13.39 -3.30 -3.10
CA VAL A 2504 -13.32 -1.95 -2.54
C VAL A 2504 -13.62 -2.00 -1.04
N GLN A 2505 -14.73 -2.64 -0.68
CA GLN A 2505 -15.12 -2.70 0.73
C GLN A 2505 -14.09 -3.46 1.56
N ASN A 2506 -13.60 -4.59 1.05
CA ASN A 2506 -12.61 -5.38 1.77
C ASN A 2506 -11.31 -4.61 1.98
N LEU A 2507 -10.84 -3.91 0.94
CA LEU A 2507 -9.61 -3.15 1.06
C LEU A 2507 -9.77 -1.99 2.04
N GLU A 2508 -10.92 -1.31 2.01
CA GLU A 2508 -11.13 -0.22 2.96
C GLU A 2508 -11.16 -0.74 4.39
N LYS A 2509 -11.85 -1.86 4.62
CA LYS A 2509 -11.87 -2.45 5.96
C LYS A 2509 -10.48 -2.89 6.39
N HIS A 2510 -9.72 -3.48 5.47
CA HIS A 2510 -8.35 -3.91 5.77
C HIS A 2510 -7.47 -2.73 6.15
N ILE A 2511 -7.57 -1.64 5.40
CA ILE A 2511 -6.76 -0.45 5.72
C ILE A 2511 -7.17 0.13 7.05
N GLU A 2512 -8.47 0.15 7.36
CA GLU A 2512 -8.92 0.66 8.65
C GLU A 2512 -8.41 -0.20 9.79
N VAL A 2513 -8.46 -1.52 9.64
CA VAL A 2513 -7.95 -2.40 10.70
C VAL A 2513 -6.46 -2.21 10.89
N ARG A 2514 -5.71 -2.08 9.79
CA ARG A 2514 -4.27 -1.87 9.90
C ARG A 2514 -3.96 -0.53 10.54
N LYS A 2515 -4.74 0.51 10.22
CA LYS A 2515 -4.55 1.81 10.85
C LYS A 2515 -4.83 1.74 12.35
N GLU A 2516 -5.87 1.00 12.74
CA GLU A 2516 -6.14 0.80 14.15
C GLU A 2516 -4.99 0.09 14.85
N LEU A 2517 -4.43 -0.94 14.19
CA LEU A 2517 -3.28 -1.63 14.75
C LEU A 2517 -2.09 -0.69 14.92
N ALA A 2518 -1.83 0.14 13.90
CA ALA A 2518 -0.70 1.07 13.98
C ALA A 2518 -0.89 2.09 15.09
N GLU A 2519 -2.13 2.57 15.26
CA GLU A 2519 -2.41 3.50 16.35
C GLU A 2519 -2.22 2.82 17.70
N LYS A 2520 -2.66 1.57 17.83
CA LYS A 2520 -2.51 0.85 19.09
C LYS A 2520 -1.04 0.61 19.42
N MET A 2521 -0.23 0.29 18.42
CA MET A 2521 1.20 0.08 18.66
C MET A 2521 1.89 1.37 19.07
N ARG A 2522 1.28 2.50 18.75
CA ARG A 2522 1.89 3.81 19.00
C ARG A 2522 2.98 4.04 17.96
C13 T3X B . 14.62 -3.42 11.14
C15 T3X B . 16.90 -2.96 11.85
C17 T3X B . 15.77 -1.15 10.43
C20 T3X B . 18.57 0.78 9.35
C11 T3X B . 15.86 -5.04 12.50
C12 T3X B . 14.70 -4.65 11.82
C14 T3X B . 15.76 -2.55 11.16
C16 T3X B . 16.95 -4.20 12.51
C19 T3X B . 17.34 0.33 10.16
N10 T3X B . 15.92 -6.35 13.21
C01 T3X B . 15.68 -12.70 15.38
C02 T3X B . 15.61 -11.36 14.66
C03 T3X B . 14.87 -11.23 13.50
C04 T3X B . 14.80 -10.01 12.85
C05 T3X B . 15.49 -8.92 13.35
C06 T3X B . 16.24 -9.05 14.51
C07 T3X B . 16.31 -10.28 15.16
C08 T3X B . 15.39 -7.58 12.60
C22 T3X B . 18.39 -0.90 8.03
C23 T3X B . 17.11 -1.35 8.75
C24 T3X B . 20.24 0.15 8.18
C25 T3X B . 13.32 -3.05 10.41
C29 T3X B . 14.09 -12.43 12.93
C30 T3X B . 13.48 -13.35 12.47
C31 T3X B . 12.70 -14.53 11.88
C32 T3X B . 13.26 -15.35 10.92
C33 T3X B . 12.51 -16.35 10.45
C34 T3X B . 11.18 -16.60 10.93
C37 T3X B . 12.64 -17.42 9.50
C39 T3X B . 11.36 -14.79 12.34
F26 T3X B . 13.55 -2.76 9.10
F27 T3X B . 12.46 -4.11 10.48
F28 T3X B . 12.74 -1.98 11.02
N18 T3X B . 17.00 -0.93 9.97
N21 T3X B . 19.20 -0.26 8.84
N35 T3X B . 10.85 -17.74 10.14
N36 T3X B . 11.71 -18.25 9.29
N38 T3X B . 10.59 -15.84 11.85
O09 T3X B . 14.91 -7.56 11.52
#